data_8WU1
#
_entry.id   8WU1
#
_cell.length_a   1.00
_cell.length_b   1.00
_cell.length_c   1.00
_cell.angle_alpha   90.00
_cell.angle_beta   90.00
_cell.angle_gamma   90.00
#
_symmetry.space_group_name_H-M   'P 1'
#
loop_
_entity.id
_entity.type
_entity.pdbx_description
1 polymer Beta-arrestin-1
2 polymer 'Fab30 heavy chain'
3 polymer 'Fab30 light chain'
4 polymer 'Cannabinoid receptor 1,Vasopressin V2 receptor'
5 non-polymer 'methyl N-{1-[(4-fluorophenyl)methyl]-1H-indazole-3-carbonyl}-3-methyl-L-valinate'
#
loop_
_entity_poly.entity_id
_entity_poly.type
_entity_poly.pdbx_seq_one_letter_code
_entity_poly.pdbx_strand_id
1 'polypeptide(L)'
;MGDKGTRVFKKASPNGKLTVYLGKRDFVDHIDLVEPVDGVVLVDPEYLKERRVYVTLTCAFRYGREDLDVLGLTFRKDLF
VANVQSFPPAPEDKKPLTRLQERLIKKLGEHAYPFTFEIPPNLPCSVTLQPGPEDTGKACGVDYEVKAFCAENLEEKIHK
RNSVRLVIEKVQYAPERPGPQPTAETTRQFLMSDKPLHLEASLDKEIYYHGEPISVNVHVTNNTNKTVKKIKISVRQYAD
ICLFNTAQYKCPVAMEEADDTVAPSSTFCKVYTLTPFLANNREKRGLALDGKLKHEDTNLASSTLLREGANREILGIIVS
YKVKVKLVVSRGGLLGDLASSDVAVELPFTLMHPKPKEEPPHREVPEHETPVDTNLIELDTNDDDAAAEDFAR
;
C
2 'polypeptide(L)'
;EISEVQLVESGGGLVQPGGSLRLSCAASGFNVYSSSIHWVRQAPGKGLEWVASISSYYGYTYYADSVKGRFTISADTSKN
TAYLQMNSLRAEDTAVYYCARSRQFWYSGLDYWGQGTLVTVSSASTKGPSVFPLAPSSKSTSGGTAALGCLVKDYFPEPV
TVSWNSGALTSGVHTFPAVLQSSGLYSLSSVVTVPSSSLGTQTYICNVNHKPSNTKVDKKVEPKSCDKTHHHHHHHHH
;
H
3 'polypeptide(L)'
;SDIQMTQSPSSLSASVGDRVTITCRASQSVSSAVAWYQQKPGKAPKLLIYSASSLYSGVPSRFSGSRSGTDFTLTISSLQ
PEDFATYYCQQYKYVPVTFGQGTKVEIKRTVAAPSVFIFPPSDSQLKSGTASVVCLLNNFYPREAKVQWKVDNALQSGNS
QESVTEQDSKDSTYSLSSTLTLSKADYEKHKVYACEVTHQGLSSPVTKSFNRGEC
;
L
4 'polypeptide(L)'
;MKSILDGLADTTFRTITTDLLYVGSNDIQYEDIKGDMASKLGYFPQKFPLTSFRGSPFQEKMTAGDNPQLVPADQVNITE
FYNKSLSSFKENEENIQCGENFMDIECFMVLNPSQQLAIAVLSLTLGTFTVLENLLVLCVILHSRSLRCRPSYHFIGSLA
VADLLGSVIFVYSFIDFHVFHRKDSRNVFLFKLGGVTASFTASVGSLFLTAIDRYISIHRPLAYKRIVTRPKAVVAFCLM
WTIAIVIAVLPLLGWNCEKLQSVCSDIFPHIDETYLMFWIGVTSVLLLFIVYAYMYILWKAHSHAVRMIQRGTQKSIIIH
TSEDGKVQVTRPDQARMDIRLAKTLVLILVVLIICWGPLLAIMVYDVFGKMNKLIKTVFAFCSMLCLLNSTVNPIIYALR
SKDLRHAFRSMFPCARGRTPPSLGPQDE(SEP)C(TPO)(TPO)A(SEP)(SEP)(SEP)LAKDTSS
;
R
#
# COMPACT_ATOMS: atom_id res chain seq x y z
N THR A 6 28.90 -4.21 -4.65
CA THR A 6 27.50 -3.81 -4.79
C THR A 6 26.65 -4.99 -5.26
N ARG A 7 25.38 -4.71 -5.52
CA ARG A 7 24.42 -5.74 -5.95
C ARG A 7 23.75 -5.29 -7.24
N VAL A 8 23.55 -6.25 -8.13
CA VAL A 8 22.85 -6.02 -9.40
C VAL A 8 21.69 -7.00 -9.48
N PHE A 9 20.51 -6.49 -9.81
CA PHE A 9 19.35 -7.35 -9.94
C PHE A 9 19.42 -8.14 -11.24
N LYS A 10 18.86 -9.34 -11.22
CA LYS A 10 18.88 -10.20 -12.39
C LYS A 10 17.58 -10.98 -12.46
N LYS A 11 17.00 -11.04 -13.65
CA LYS A 11 15.87 -11.89 -13.93
C LYS A 11 16.24 -12.83 -15.07
N ALA A 12 15.59 -13.98 -15.13
CA ALA A 12 15.90 -15.01 -16.10
C ALA A 12 14.64 -15.42 -16.85
N SER A 13 14.78 -15.63 -18.15
CA SER A 13 13.66 -16.11 -18.94
C SER A 13 13.26 -17.50 -18.48
N PRO A 14 11.97 -17.86 -18.57
CA PRO A 14 11.56 -19.20 -18.14
C PRO A 14 12.34 -20.30 -18.85
N ASN A 15 12.64 -20.11 -20.13
CA ASN A 15 13.49 -21.07 -20.83
C ASN A 15 14.90 -21.07 -20.27
N GLY A 16 15.32 -20.01 -19.59
CA GLY A 16 16.62 -19.95 -18.97
C GLY A 16 17.76 -19.58 -19.88
N LYS A 17 17.49 -19.35 -21.18
CA LYS A 17 18.54 -19.04 -22.13
C LYS A 17 18.80 -17.54 -22.26
N LEU A 18 17.98 -16.71 -21.62
CA LEU A 18 18.16 -15.26 -21.68
C LEU A 18 17.95 -14.67 -20.30
N THR A 19 18.88 -13.85 -19.86
CA THR A 19 18.80 -13.21 -18.56
C THR A 19 19.09 -11.72 -18.70
N VAL A 20 18.40 -10.92 -17.88
CA VAL A 20 18.54 -9.47 -17.88
C VAL A 20 19.12 -9.04 -16.55
N TYR A 21 20.24 -8.33 -16.59
CA TYR A 21 20.89 -7.77 -15.41
C TYR A 21 20.66 -6.26 -15.43
N LEU A 22 20.15 -5.73 -14.32
CA LEU A 22 19.80 -4.34 -14.20
C LEU A 22 20.42 -3.77 -12.93
N GLY A 23 21.01 -2.58 -13.04
CA GLY A 23 21.69 -1.99 -11.90
C GLY A 23 20.76 -1.63 -10.76
N LYS A 24 19.63 -1.01 -11.08
CA LYS A 24 18.68 -0.58 -10.06
C LYS A 24 17.30 -0.51 -10.68
N ARG A 25 16.28 -0.43 -9.83
CA ARG A 25 14.90 -0.44 -10.26
C ARG A 25 14.16 0.84 -9.92
N ASP A 26 14.87 1.89 -9.51
CA ASP A 26 14.29 3.22 -9.31
C ASP A 26 15.15 4.20 -10.09
N PHE A 27 14.61 4.77 -11.15
CA PHE A 27 15.35 5.69 -12.02
C PHE A 27 14.82 7.09 -11.78
N VAL A 28 15.59 7.89 -11.03
CA VAL A 28 15.14 9.21 -10.63
C VAL A 28 14.96 10.09 -11.86
N ASP A 29 13.92 10.92 -11.83
CA ASP A 29 13.56 11.81 -12.93
C ASP A 29 13.90 13.24 -12.55
N HIS A 30 15.08 13.69 -12.93
CA HIS A 30 15.38 15.11 -12.90
C HIS A 30 14.55 15.80 -13.98
N ILE A 31 14.08 17.00 -13.69
CA ILE A 31 13.12 17.64 -14.59
C ILE A 31 13.77 17.88 -15.96
N ASP A 32 15.03 18.32 -15.97
CA ASP A 32 15.69 18.59 -17.24
C ASP A 32 15.89 17.31 -18.04
N LEU A 33 16.30 16.22 -17.38
CA LEU A 33 16.60 14.98 -18.06
C LEU A 33 16.40 13.82 -17.10
N VAL A 34 16.29 12.62 -17.66
CA VAL A 34 16.04 11.41 -16.90
C VAL A 34 17.31 10.57 -16.89
N GLU A 35 17.54 9.88 -15.78
CA GLU A 35 18.67 8.97 -15.72
C GLU A 35 18.49 7.86 -16.75
N PRO A 36 19.53 7.50 -17.50
CA PRO A 36 19.38 6.45 -18.50
C PRO A 36 19.15 5.10 -17.85
N VAL A 37 18.38 4.26 -18.54
CA VAL A 37 18.14 2.88 -18.13
C VAL A 37 19.19 2.03 -18.82
N ASP A 38 20.24 1.68 -18.09
CA ASP A 38 21.34 0.89 -18.63
C ASP A 38 21.36 -0.49 -17.98
N GLY A 39 21.71 -1.50 -18.77
CA GLY A 39 21.74 -2.86 -18.24
C GLY A 39 22.43 -3.77 -19.22
N VAL A 40 22.42 -5.06 -18.89
CA VAL A 40 23.09 -6.08 -19.68
C VAL A 40 22.12 -7.22 -19.91
N VAL A 41 22.33 -7.95 -21.00
CA VAL A 41 21.54 -9.13 -21.33
C VAL A 41 22.51 -10.25 -21.67
N LEU A 42 22.38 -11.39 -20.99
CA LEU A 42 23.18 -12.56 -21.26
C LEU A 42 22.34 -13.56 -22.04
N VAL A 43 22.83 -13.95 -23.21
CA VAL A 43 22.09 -14.81 -24.12
C VAL A 43 22.83 -16.12 -24.30
N ASP A 44 22.24 -17.05 -25.05
CA ASP A 44 22.84 -18.34 -25.35
C ASP A 44 22.98 -18.45 -26.87
N PRO A 45 24.15 -18.11 -27.44
CA PRO A 45 24.27 -18.15 -28.90
C PRO A 45 23.96 -19.51 -29.49
N GLU A 46 24.28 -20.60 -28.78
CA GLU A 46 23.94 -21.92 -29.26
C GLU A 46 22.44 -22.14 -29.36
N TYR A 47 21.65 -21.32 -28.67
CA TYR A 47 20.20 -21.40 -28.74
C TYR A 47 19.63 -20.45 -29.78
N LEU A 48 20.05 -19.19 -29.76
CA LEU A 48 19.64 -18.21 -30.76
C LEU A 48 20.58 -18.33 -31.95
N LYS A 49 20.37 -19.38 -32.74
CA LYS A 49 21.27 -19.66 -33.86
C LYS A 49 21.25 -18.53 -34.88
N GLU A 50 20.06 -18.04 -35.22
CA GLU A 50 19.92 -16.94 -36.17
C GLU A 50 19.04 -15.81 -35.69
N ARG A 51 18.12 -16.05 -34.75
CA ARG A 51 17.28 -14.98 -34.24
C ARG A 51 18.11 -13.97 -33.46
N ARG A 52 17.66 -12.72 -33.48
CA ARG A 52 18.30 -11.64 -32.76
C ARG A 52 17.66 -11.49 -31.38
N VAL A 53 18.34 -10.76 -30.50
CA VAL A 53 17.86 -10.49 -29.16
C VAL A 53 17.61 -9.00 -29.03
N TYR A 54 16.34 -8.64 -28.83
CA TYR A 54 15.91 -7.26 -28.72
C TYR A 54 15.52 -6.96 -27.28
N VAL A 55 15.54 -5.67 -26.95
CA VAL A 55 15.12 -5.19 -25.64
C VAL A 55 14.24 -3.97 -25.87
N THR A 56 13.22 -3.81 -25.03
CA THR A 56 12.26 -2.72 -25.16
C THR A 56 11.94 -2.15 -23.80
N LEU A 57 11.66 -0.85 -23.77
CA LEU A 57 11.26 -0.14 -22.56
C LEU A 57 9.90 0.48 -22.84
N THR A 58 8.84 -0.12 -22.29
CA THR A 58 7.49 0.33 -22.53
C THR A 58 6.96 1.08 -21.32
N CYS A 59 6.14 2.09 -21.58
CA CYS A 59 5.47 2.87 -20.55
C CYS A 59 3.98 2.61 -20.68
N ALA A 60 3.51 1.53 -20.05
CA ALA A 60 2.11 1.16 -20.15
C ALA A 60 1.24 2.08 -19.32
N PHE A 61 -0.03 2.16 -19.71
CA PHE A 61 -1.00 2.99 -19.00
C PHE A 61 -2.35 2.31 -19.08
N ARG A 62 -2.91 1.98 -17.93
CA ARG A 62 -4.13 1.17 -17.87
C ARG A 62 -5.25 1.91 -17.14
N TYR A 63 -5.48 3.18 -17.48
CA TYR A 63 -6.51 3.95 -16.81
C TYR A 63 -7.85 3.24 -16.87
N GLY A 64 -8.14 2.55 -17.97
CA GLY A 64 -9.38 1.81 -18.06
C GLY A 64 -9.40 0.65 -17.09
N ARG A 65 -10.62 0.26 -16.70
CA ARG A 65 -10.79 -0.85 -15.77
C ARG A 65 -10.24 -2.13 -16.40
N GLU A 66 -9.17 -2.66 -15.80
CA GLU A 66 -8.57 -3.89 -16.33
C GLU A 66 -9.55 -5.05 -16.26
N ASP A 67 -10.31 -5.15 -15.17
CA ASP A 67 -11.29 -6.23 -15.01
C ASP A 67 -12.41 -6.16 -16.04
N LEU A 68 -12.58 -5.03 -16.73
CA LEU A 68 -13.60 -4.85 -17.74
C LEU A 68 -12.93 -4.57 -19.09
N ASP A 69 -13.76 -4.46 -20.13
CA ASP A 69 -13.27 -4.21 -21.48
C ASP A 69 -14.34 -3.47 -22.27
N VAL A 70 -13.90 -2.56 -23.12
CA VAL A 70 -14.79 -1.80 -24.00
C VAL A 70 -14.72 -2.42 -25.39
N LEU A 71 -15.89 -2.70 -25.97
CA LEU A 71 -15.93 -3.40 -27.25
C LEU A 71 -15.29 -2.56 -28.33
N GLY A 72 -14.49 -3.20 -29.18
CA GLY A 72 -13.90 -2.54 -30.32
C GLY A 72 -12.94 -1.42 -29.97
N LEU A 73 -12.48 -1.37 -28.72
CA LEU A 73 -11.57 -0.33 -28.29
C LEU A 73 -10.69 -0.85 -27.18
N THR A 74 -9.52 -0.23 -27.02
CA THR A 74 -8.54 -0.61 -26.01
C THR A 74 -8.31 0.58 -25.10
N PHE A 75 -8.76 0.46 -23.85
CA PHE A 75 -8.57 1.54 -22.88
C PHE A 75 -7.09 1.74 -22.55
N ARG A 76 -6.24 0.75 -22.78
CA ARG A 76 -4.82 0.88 -22.53
C ARG A 76 -4.20 1.89 -23.49
N LYS A 77 -2.94 2.21 -23.22
CA LYS A 77 -2.16 3.08 -24.10
C LYS A 77 -0.70 2.83 -23.82
N ASP A 78 0.15 3.19 -24.78
CA ASP A 78 1.60 3.03 -24.66
C ASP A 78 2.24 4.37 -25.00
N LEU A 79 2.41 5.21 -23.98
CA LEU A 79 2.93 6.56 -24.22
C LEU A 79 4.33 6.50 -24.81
N PHE A 80 5.18 5.62 -24.30
CA PHE A 80 6.56 5.52 -24.73
C PHE A 80 6.89 4.06 -25.01
N VAL A 81 7.55 3.82 -26.14
CA VAL A 81 8.02 2.48 -26.49
C VAL A 81 9.35 2.65 -27.23
N ALA A 82 10.43 2.16 -26.63
CA ALA A 82 11.76 2.24 -27.20
C ALA A 82 12.25 0.84 -27.51
N ASN A 83 13.03 0.72 -28.58
CA ASN A 83 13.59 -0.56 -29.00
C ASN A 83 15.09 -0.43 -29.18
N VAL A 84 15.78 -1.56 -29.06
CA VAL A 84 17.22 -1.60 -29.24
C VAL A 84 17.62 -3.02 -29.61
N GLN A 85 18.48 -3.17 -30.61
CA GLN A 85 18.94 -4.47 -31.07
C GLN A 85 20.20 -4.81 -30.29
N SER A 86 20.02 -5.50 -29.16
CA SER A 86 21.16 -5.81 -28.31
C SER A 86 22.06 -6.86 -28.95
N PHE A 87 21.48 -7.93 -29.49
CA PHE A 87 22.25 -9.00 -30.11
C PHE A 87 21.80 -9.17 -31.55
N PRO A 88 22.69 -9.04 -32.55
CA PRO A 88 24.13 -8.80 -32.46
C PRO A 88 24.49 -7.46 -31.85
N PRO A 89 25.74 -7.31 -31.42
CA PRO A 89 26.14 -6.11 -30.70
C PRO A 89 26.40 -4.93 -31.62
N ALA A 90 26.08 -3.74 -31.11
CA ALA A 90 26.33 -2.47 -31.77
C ALA A 90 26.01 -2.55 -33.27
N PRO A 91 24.80 -2.99 -33.63
CA PRO A 91 24.46 -3.05 -35.06
C PRO A 91 24.32 -1.67 -35.68
N GLU A 92 23.62 -0.78 -34.97
CA GLU A 92 23.36 0.55 -35.51
C GLU A 92 24.62 1.41 -35.46
N ASP A 93 25.16 1.63 -34.28
CA ASP A 93 26.33 2.48 -34.12
C ASP A 93 26.95 2.21 -32.75
N LYS A 94 28.14 2.78 -32.54
CA LYS A 94 28.82 2.64 -31.26
C LYS A 94 28.18 3.54 -30.21
N LYS A 95 28.04 3.02 -29.00
CA LYS A 95 27.48 3.76 -27.89
C LYS A 95 28.38 3.59 -26.66
N PRO A 96 28.53 4.63 -25.85
CA PRO A 96 29.35 4.50 -24.65
C PRO A 96 28.73 3.55 -23.64
N LEU A 97 29.58 2.90 -22.86
CA LEU A 97 29.16 1.99 -21.81
C LEU A 97 29.42 2.62 -20.45
N THR A 98 28.38 2.67 -19.62
CA THR A 98 28.56 3.15 -18.26
C THR A 98 29.44 2.18 -17.48
N ARG A 99 30.07 2.70 -16.42
CA ARG A 99 30.97 1.86 -15.64
C ARG A 99 30.27 0.60 -15.15
N LEU A 100 28.98 0.69 -14.84
CA LEU A 100 28.23 -0.50 -14.44
C LEU A 100 28.19 -1.52 -15.57
N GLN A 101 27.93 -1.07 -16.79
CA GLN A 101 27.89 -2.00 -17.92
C GLN A 101 29.24 -2.66 -18.14
N GLU A 102 30.32 -1.90 -18.03
CA GLU A 102 31.65 -2.47 -18.18
C GLU A 102 31.94 -3.50 -17.09
N ARG A 103 31.56 -3.19 -15.85
CA ARG A 103 31.77 -4.14 -14.76
C ARG A 103 30.98 -5.42 -15.00
N LEU A 104 29.73 -5.30 -15.45
CA LEU A 104 28.94 -6.48 -15.73
C LEU A 104 29.55 -7.30 -16.86
N ILE A 105 30.02 -6.63 -17.92
CA ILE A 105 30.63 -7.35 -19.02
C ILE A 105 31.87 -8.09 -18.57
N LYS A 106 32.66 -7.47 -17.68
CA LYS A 106 33.80 -8.17 -17.11
C LYS A 106 33.36 -9.38 -16.30
N LYS A 107 32.34 -9.21 -15.46
CA LYS A 107 31.88 -10.32 -14.63
C LYS A 107 31.27 -11.42 -15.49
N LEU A 108 30.35 -11.06 -16.37
CA LEU A 108 29.76 -12.03 -17.28
C LEU A 108 30.73 -12.33 -18.42
N GLY A 109 30.46 -13.43 -19.12
CA GLY A 109 31.33 -13.84 -20.21
C GLY A 109 31.29 -12.88 -21.37
N GLU A 110 31.80 -13.33 -22.52
CA GLU A 110 31.73 -12.54 -23.74
C GLU A 110 30.38 -12.67 -24.43
N HIS A 111 29.43 -13.38 -23.83
CA HIS A 111 28.09 -13.54 -24.38
C HIS A 111 27.10 -12.55 -23.79
N ALA A 112 27.57 -11.57 -23.03
CA ALA A 112 26.73 -10.56 -22.42
C ALA A 112 26.86 -9.26 -23.21
N TYR A 113 25.72 -8.62 -23.49
CA TYR A 113 25.71 -7.43 -24.33
C TYR A 113 24.91 -6.33 -23.67
N PRO A 114 25.29 -5.07 -23.88
CA PRO A 114 24.64 -3.97 -23.16
C PRO A 114 23.38 -3.48 -23.85
N PHE A 115 22.59 -2.74 -23.09
CA PHE A 115 21.44 -2.02 -23.64
C PHE A 115 21.24 -0.77 -22.80
N THR A 116 20.86 0.33 -23.46
CA THR A 116 20.72 1.62 -22.80
C THR A 116 19.58 2.40 -23.43
N PHE A 117 18.76 3.00 -22.58
CA PHE A 117 17.63 3.82 -23.01
C PHE A 117 17.73 5.21 -22.40
N GLU A 118 17.54 6.22 -23.23
CA GLU A 118 17.49 7.62 -22.81
C GLU A 118 16.03 8.06 -22.88
N ILE A 119 15.37 8.04 -21.73
CA ILE A 119 13.94 8.39 -21.72
C ILE A 119 13.78 9.87 -22.01
N PRO A 120 12.79 10.28 -22.81
CA PRO A 120 12.57 11.71 -23.01
C PRO A 120 12.17 12.37 -21.71
N PRO A 121 12.50 13.65 -21.55
CA PRO A 121 12.24 14.30 -20.26
C PRO A 121 10.78 14.29 -19.84
N ASN A 122 9.90 14.73 -20.72
CA ASN A 122 8.47 14.89 -20.39
C ASN A 122 7.75 13.57 -20.57
N LEU A 123 7.55 12.85 -19.47
CA LEU A 123 6.80 11.61 -19.48
C LEU A 123 6.25 11.38 -18.08
N PRO A 124 5.23 10.55 -17.93
CA PRO A 124 4.62 10.35 -16.61
C PRO A 124 5.57 9.61 -15.68
N CYS A 125 5.28 9.76 -14.38
CA CYS A 125 5.98 9.02 -13.34
C CYS A 125 5.17 7.79 -12.95
N SER A 126 5.86 6.80 -12.41
CA SER A 126 5.21 5.55 -12.05
C SER A 126 4.18 5.79 -10.95
N VAL A 127 2.90 5.71 -11.31
CA VAL A 127 1.80 5.91 -10.38
C VAL A 127 0.79 4.79 -10.60
N THR A 128 0.16 4.35 -9.52
CA THR A 128 -0.89 3.35 -9.59
C THR A 128 -2.07 3.78 -8.73
N LEU A 129 -3.26 3.43 -9.19
CA LEU A 129 -4.49 3.81 -8.50
C LEU A 129 -4.95 2.68 -7.60
N GLN A 130 -5.46 3.04 -6.44
CA GLN A 130 -5.85 2.04 -5.47
C GLN A 130 -7.06 1.25 -6.01
N PRO A 131 -7.01 -0.09 -6.01
CA PRO A 131 -8.04 -0.85 -6.73
C PRO A 131 -9.30 -1.13 -5.94
N GLY A 132 -9.23 -1.05 -4.62
CA GLY A 132 -10.38 -1.36 -3.79
C GLY A 132 -10.47 -2.82 -3.43
N PRO A 133 -11.46 -3.17 -2.62
CA PRO A 133 -11.56 -4.55 -2.10
C PRO A 133 -12.30 -5.53 -3.01
N GLU A 134 -12.52 -5.20 -4.27
CA GLU A 134 -13.24 -6.10 -5.16
C GLU A 134 -12.46 -6.38 -6.45
N ASP A 135 -11.63 -5.43 -6.86
CA ASP A 135 -10.93 -5.57 -8.13
C ASP A 135 -9.71 -6.48 -7.97
N THR A 136 -9.12 -6.84 -9.10
CA THR A 136 -7.92 -7.67 -9.13
C THR A 136 -7.25 -7.49 -10.48
N GLY A 137 -6.13 -8.19 -10.68
CA GLY A 137 -5.40 -8.11 -11.92
C GLY A 137 -4.40 -6.97 -11.93
N LYS A 138 -3.99 -6.59 -13.13
CA LYS A 138 -3.02 -5.51 -13.27
C LYS A 138 -3.55 -4.24 -12.63
N ALA A 139 -2.68 -3.57 -11.88
CA ALA A 139 -3.08 -2.36 -11.17
C ALA A 139 -3.21 -1.20 -12.14
N CYS A 140 -4.32 -0.47 -12.03
CA CYS A 140 -4.55 0.68 -12.90
C CYS A 140 -3.53 1.77 -12.62
N GLY A 141 -2.97 2.33 -13.69
CA GLY A 141 -2.03 3.43 -13.57
C GLY A 141 -0.79 3.20 -14.40
N VAL A 142 -0.14 4.30 -14.79
CA VAL A 142 1.04 4.22 -15.63
C VAL A 142 2.14 3.44 -14.92
N ASP A 143 2.95 2.73 -15.69
CA ASP A 143 4.09 2.01 -15.13
C ASP A 143 5.01 1.56 -16.24
N TYR A 144 6.29 1.44 -15.92
CA TYR A 144 7.31 1.12 -16.90
C TYR A 144 7.70 -0.35 -16.82
N GLU A 145 8.24 -0.86 -17.92
CA GLU A 145 8.68 -2.24 -17.97
C GLU A 145 9.79 -2.39 -18.99
N VAL A 146 10.80 -3.19 -18.63
CA VAL A 146 11.91 -3.52 -19.53
C VAL A 146 11.75 -4.98 -19.91
N LYS A 147 11.50 -5.24 -21.19
CA LYS A 147 11.23 -6.58 -21.69
C LYS A 147 12.30 -6.95 -22.71
N ALA A 148 12.97 -8.08 -22.49
CA ALA A 148 13.99 -8.58 -23.39
C ALA A 148 13.52 -9.89 -23.97
N PHE A 149 13.66 -10.05 -25.29
CA PHE A 149 13.16 -11.26 -25.94
C PHE A 149 14.06 -11.63 -27.11
N CYS A 150 13.89 -12.86 -27.57
CA CYS A 150 14.60 -13.40 -28.74
C CYS A 150 13.59 -13.51 -29.88
N ALA A 151 13.79 -12.71 -30.91
CA ALA A 151 12.90 -12.72 -32.07
C ALA A 151 13.74 -12.61 -33.34
N GLU A 152 13.20 -13.16 -34.43
CA GLU A 152 13.84 -13.02 -35.72
C GLU A 152 13.59 -11.63 -36.30
N ASN A 153 12.42 -11.06 -36.05
CA ASN A 153 12.08 -9.72 -36.51
C ASN A 153 11.35 -9.00 -35.40
N LEU A 154 11.36 -7.66 -35.48
CA LEU A 154 10.75 -6.85 -34.43
C LEU A 154 9.26 -7.14 -34.31
N GLU A 155 8.55 -7.25 -35.43
CA GLU A 155 7.11 -7.43 -35.43
C GLU A 155 6.67 -8.86 -35.16
N GLU A 156 7.58 -9.83 -35.26
CA GLU A 156 7.21 -11.22 -35.00
C GLU A 156 6.77 -11.38 -33.56
N LYS A 157 5.78 -12.26 -33.35
CA LYS A 157 5.30 -12.52 -32.00
C LYS A 157 6.43 -13.08 -31.15
N ILE A 158 6.50 -12.63 -29.89
CA ILE A 158 7.54 -13.05 -28.96
C ILE A 158 6.94 -14.10 -28.05
N HIS A 159 7.42 -15.34 -28.16
CA HIS A 159 6.95 -16.40 -27.29
C HIS A 159 7.26 -16.05 -25.84
N LYS A 160 6.26 -16.20 -24.97
CA LYS A 160 6.41 -15.79 -23.58
C LYS A 160 7.37 -16.68 -22.81
N ARG A 161 7.71 -17.84 -23.35
CA ARG A 161 8.60 -18.79 -22.68
C ARG A 161 10.08 -18.46 -22.89
N ASN A 162 10.39 -17.44 -23.70
CA ASN A 162 11.78 -17.04 -23.91
C ASN A 162 11.92 -15.53 -23.89
N SER A 163 11.07 -14.85 -23.12
CA SER A 163 11.14 -13.40 -22.92
C SER A 163 11.02 -13.11 -21.44
N VAL A 164 11.77 -12.11 -20.97
CA VAL A 164 11.85 -11.77 -19.55
C VAL A 164 11.54 -10.30 -19.39
N ARG A 165 10.66 -9.98 -18.44
CA ARG A 165 10.25 -8.60 -18.21
C ARG A 165 10.49 -8.23 -16.75
N LEU A 166 11.20 -7.12 -16.55
CA LEU A 166 11.35 -6.50 -15.25
C LEU A 166 10.46 -5.26 -15.18
N VAL A 167 10.02 -4.94 -13.98
CA VAL A 167 9.26 -3.73 -13.73
C VAL A 167 10.18 -2.72 -13.06
N ILE A 168 10.43 -1.61 -13.72
CA ILE A 168 11.22 -0.54 -13.16
C ILE A 168 10.29 0.58 -12.74
N GLU A 169 10.83 1.56 -12.02
CA GLU A 169 10.05 2.68 -11.51
C GLU A 169 10.70 3.98 -11.94
N LYS A 170 9.87 4.97 -12.20
CA LYS A 170 10.33 6.33 -12.52
C LYS A 170 9.80 7.24 -11.43
N VAL A 171 10.69 7.75 -10.59
CA VAL A 171 10.31 8.49 -9.39
C VAL A 171 10.98 9.85 -9.40
N GLN A 172 10.38 10.78 -8.67
CA GLN A 172 10.90 12.12 -8.49
C GLN A 172 11.04 12.41 -7.01
N TYR A 173 12.09 13.15 -6.66
CA TYR A 173 12.39 13.46 -5.28
C TYR A 173 12.23 14.96 -5.05
N ALA A 174 11.99 15.31 -3.79
CA ALA A 174 11.60 16.66 -3.45
C ALA A 174 12.65 17.66 -3.94
N PRO A 175 12.23 18.81 -4.46
CA PRO A 175 13.21 19.81 -4.89
C PRO A 175 14.08 20.25 -3.73
N GLU A 176 15.36 20.51 -4.01
CA GLU A 176 16.30 20.86 -2.97
C GLU A 176 16.02 22.24 -2.39
N ARG A 177 15.54 23.17 -3.20
CA ARG A 177 15.30 24.54 -2.75
C ARG A 177 13.80 24.79 -2.62
N PRO A 178 13.26 24.89 -1.41
CA PRO A 178 11.83 25.15 -1.28
C PRO A 178 11.45 26.50 -1.89
N GLY A 179 10.26 26.56 -2.47
CA GLY A 179 9.78 27.76 -3.09
C GLY A 179 9.00 28.63 -2.12
N PRO A 180 8.32 29.65 -2.63
CA PRO A 180 7.60 30.57 -1.75
C PRO A 180 6.53 29.86 -0.94
N GLN A 181 6.34 30.31 0.28
CA GLN A 181 5.34 29.72 1.16
C GLN A 181 3.95 29.93 0.56
N PRO A 182 3.15 28.87 0.41
CA PRO A 182 1.80 29.06 -0.13
C PRO A 182 0.94 29.90 0.79
N THR A 183 0.07 30.70 0.18
CA THR A 183 -0.83 31.57 0.93
C THR A 183 -2.03 31.88 0.05
N ALA A 184 -3.13 32.25 0.69
CA ALA A 184 -4.33 32.60 -0.06
C ALA A 184 -5.23 33.45 0.82
N GLU A 185 -6.07 34.24 0.16
CA GLU A 185 -6.98 35.14 0.85
C GLU A 185 -8.20 35.39 -0.02
N THR A 186 -9.35 35.55 0.63
CA THR A 186 -10.59 35.87 -0.06
C THR A 186 -11.41 36.83 0.78
N THR A 187 -12.32 37.53 0.11
CA THR A 187 -13.19 38.51 0.75
C THR A 187 -14.57 38.34 0.13
N ARG A 188 -15.49 37.74 0.86
CA ARG A 188 -16.85 37.58 0.37
C ARG A 188 -17.71 38.72 0.91
N GLN A 189 -18.81 38.99 0.20
CA GLN A 189 -19.76 40.02 0.60
C GLN A 189 -21.17 39.51 0.35
N PHE A 190 -21.95 39.35 1.40
CA PHE A 190 -23.29 38.80 1.29
C PHE A 190 -24.28 39.90 0.91
N LEU A 191 -25.56 39.52 0.82
CA LEU A 191 -26.64 40.45 0.55
C LEU A 191 -27.25 41.02 1.82
N MET A 192 -26.75 40.65 2.99
CA MET A 192 -27.32 41.11 4.25
C MET A 192 -26.66 42.40 4.74
N SER A 193 -25.33 42.39 4.87
CA SER A 193 -24.57 43.54 5.33
C SER A 193 -23.50 43.88 4.32
N ASP A 194 -23.31 45.18 4.09
CA ASP A 194 -22.31 45.65 3.13
C ASP A 194 -20.93 45.71 3.80
N LYS A 195 -20.51 44.60 4.39
CA LYS A 195 -19.18 44.50 4.98
C LYS A 195 -18.57 43.17 4.55
N PRO A 196 -17.25 43.14 4.31
CA PRO A 196 -16.64 41.92 3.76
C PRO A 196 -16.18 40.94 4.82
N LEU A 197 -16.61 39.68 4.69
CA LEU A 197 -16.05 38.58 5.46
C LEU A 197 -14.71 38.20 4.85
N HIS A 198 -13.63 38.36 5.60
CA HIS A 198 -12.28 38.15 5.10
C HIS A 198 -11.72 36.85 5.65
N LEU A 199 -11.13 36.04 4.77
CA LEU A 199 -10.47 34.81 5.15
C LEU A 199 -9.06 34.81 4.59
N GLU A 200 -8.10 34.35 5.38
CA GLU A 200 -6.71 34.26 4.94
C GLU A 200 -6.09 33.01 5.53
N ALA A 201 -5.50 32.18 4.67
CA ALA A 201 -4.89 30.93 5.10
C ALA A 201 -3.48 30.85 4.53
N SER A 202 -2.65 30.06 5.20
CA SER A 202 -1.25 29.92 4.80
C SER A 202 -0.67 28.68 5.46
N LEU A 203 0.12 27.93 4.69
CA LEU A 203 0.79 26.77 5.23
C LEU A 203 2.16 27.15 5.80
N ASP A 204 2.75 26.25 6.58
CA ASP A 204 4.06 26.52 7.15
C ASP A 204 5.13 26.59 6.07
N LYS A 205 5.14 25.62 5.15
CA LYS A 205 6.11 25.57 4.07
C LYS A 205 5.42 25.01 2.83
N GLU A 206 6.16 25.00 1.72
CA GLU A 206 5.59 24.54 0.46
C GLU A 206 5.79 23.05 0.23
N ILE A 207 6.93 22.50 0.63
CA ILE A 207 7.27 21.11 0.37
C ILE A 207 7.14 20.33 1.67
N TYR A 208 6.31 19.29 1.66
CA TYR A 208 6.10 18.44 2.80
C TYR A 208 6.50 17.02 2.45
N TYR A 209 7.15 16.34 3.38
CA TYR A 209 7.55 14.96 3.18
C TYR A 209 6.48 14.04 3.75
N HIS A 210 6.35 12.87 3.12
CA HIS A 210 5.26 11.97 3.47
C HIS A 210 5.28 11.65 4.96
N GLY A 211 4.13 11.82 5.60
CA GLY A 211 3.99 11.61 7.02
C GLY A 211 4.20 12.85 7.87
N GLU A 212 4.83 13.88 7.33
CA GLU A 212 5.05 15.10 8.10
C GLU A 212 3.73 15.84 8.26
N PRO A 213 3.39 16.30 9.45
CA PRO A 213 2.12 17.03 9.63
C PRO A 213 2.12 18.34 8.87
N ILE A 214 0.92 18.74 8.44
CA ILE A 214 0.72 19.97 7.68
C ILE A 214 -0.03 20.95 8.56
N SER A 215 0.48 22.17 8.64
CA SER A 215 -0.07 23.20 9.52
C SER A 215 -0.68 24.32 8.69
N VAL A 216 -1.91 24.71 9.04
CA VAL A 216 -2.66 25.74 8.35
C VAL A 216 -2.94 26.86 9.35
N ASN A 217 -2.52 28.07 9.03
CA ASN A 217 -2.70 29.22 9.92
C ASN A 217 -3.92 30.00 9.43
N VAL A 218 -5.09 29.59 9.89
CA VAL A 218 -6.34 30.21 9.47
C VAL A 218 -6.54 31.52 10.21
N HIS A 219 -7.01 32.54 9.51
CA HIS A 219 -7.29 33.85 10.09
C HIS A 219 -8.54 34.40 9.43
N VAL A 220 -9.60 34.56 10.21
CA VAL A 220 -10.89 35.04 9.72
C VAL A 220 -11.24 36.33 10.42
N THR A 221 -11.76 37.29 9.67
CA THR A 221 -12.33 38.51 10.24
C THR A 221 -13.75 38.62 9.70
N ASN A 222 -14.73 38.47 10.58
CA ASN A 222 -16.13 38.50 10.22
C ASN A 222 -16.68 39.88 10.61
N ASN A 223 -16.56 40.83 9.69
CA ASN A 223 -17.16 42.15 9.86
C ASN A 223 -18.63 42.16 9.51
N THR A 224 -19.15 41.09 8.91
CA THR A 224 -20.54 41.01 8.56
C THR A 224 -21.38 40.61 9.78
N ASN A 225 -22.69 40.73 9.66
CA ASN A 225 -23.61 40.38 10.74
C ASN A 225 -23.98 38.90 10.74
N LYS A 226 -23.13 38.04 10.15
CA LYS A 226 -23.42 36.62 10.04
C LYS A 226 -22.36 35.84 10.80
N THR A 227 -22.78 34.72 11.40
CA THR A 227 -21.93 33.91 12.24
C THR A 227 -21.47 32.66 11.49
N VAL A 228 -20.20 32.31 11.67
CA VAL A 228 -19.64 31.10 11.08
C VAL A 228 -19.71 29.98 12.10
N LYS A 229 -20.26 28.83 11.70
CA LYS A 229 -20.46 27.73 12.63
C LYS A 229 -19.26 26.79 12.67
N LYS A 230 -18.90 26.22 11.53
CA LYS A 230 -17.84 25.22 11.46
C LYS A 230 -16.71 25.72 10.58
N ILE A 231 -15.53 25.11 10.78
CA ILE A 231 -14.37 25.36 9.93
C ILE A 231 -13.83 24.00 9.52
N LYS A 232 -13.72 23.79 8.20
CA LYS A 232 -13.31 22.50 7.66
C LYS A 232 -11.98 22.67 6.94
N ILE A 233 -10.98 21.90 7.37
CA ILE A 233 -9.68 21.86 6.73
C ILE A 233 -9.51 20.49 6.11
N SER A 234 -9.29 20.44 4.80
CA SER A 234 -9.23 19.17 4.08
C SER A 234 -8.03 19.17 3.15
N VAL A 235 -7.11 18.24 3.35
CA VAL A 235 -6.09 17.97 2.36
C VAL A 235 -6.68 17.02 1.32
N ARG A 236 -6.72 17.46 0.07
CA ARG A 236 -7.34 16.72 -1.02
C ARG A 236 -6.35 16.58 -2.16
N GLN A 237 -6.59 15.57 -2.98
CA GLN A 237 -5.66 15.14 -4.03
C GLN A 237 -6.32 15.26 -5.38
N TYR A 238 -5.66 15.95 -6.30
CA TYR A 238 -6.12 16.10 -7.67
C TYR A 238 -5.26 15.24 -8.59
N ALA A 239 -5.92 14.43 -9.41
CA ALA A 239 -5.24 13.51 -10.32
C ALA A 239 -5.67 13.84 -11.74
N ASP A 240 -4.94 14.76 -12.37
CA ASP A 240 -5.21 15.12 -13.77
C ASP A 240 -4.86 13.93 -14.65
N ILE A 241 -5.87 13.28 -15.20
CA ILE A 241 -5.70 12.15 -16.11
C ILE A 241 -5.94 12.65 -17.52
N CYS A 242 -5.18 12.10 -18.47
CA CYS A 242 -5.28 12.53 -19.86
C CYS A 242 -5.32 11.32 -20.79
N LEU A 243 -6.15 10.34 -20.46
CA LEU A 243 -6.34 9.19 -21.33
C LEU A 243 -7.18 9.57 -22.55
N PHE A 244 -8.41 10.01 -22.30
CA PHE A 244 -9.31 10.44 -23.35
C PHE A 244 -9.77 11.89 -23.21
N ASN A 245 -9.55 12.51 -22.06
CA ASN A 245 -10.11 13.83 -21.78
C ASN A 245 -9.14 14.57 -20.86
N THR A 246 -9.64 15.62 -20.20
CA THR A 246 -8.84 16.39 -19.25
C THR A 246 -9.43 16.24 -17.86
N ALA A 247 -9.78 15.00 -17.50
CA ALA A 247 -10.53 14.75 -16.29
C ALA A 247 -9.83 15.30 -15.05
N GLN A 248 -10.58 15.36 -13.96
CA GLN A 248 -10.11 15.80 -12.65
C GLN A 248 -10.74 14.89 -11.62
N TYR A 249 -9.94 14.43 -10.65
CA TYR A 249 -10.43 13.53 -9.62
C TYR A 249 -9.97 14.03 -8.25
N LYS A 250 -10.77 14.91 -7.66
CA LYS A 250 -10.52 15.35 -6.29
C LYS A 250 -10.92 14.26 -5.31
N CYS A 251 -10.13 14.09 -4.27
CA CYS A 251 -10.40 13.06 -3.27
C CYS A 251 -9.82 13.48 -1.93
N PRO A 252 -10.63 13.83 -0.94
CA PRO A 252 -10.06 14.29 0.33
C PRO A 252 -9.30 13.21 1.06
N VAL A 253 -7.97 13.37 1.17
CA VAL A 253 -7.15 12.37 1.83
C VAL A 253 -7.04 12.63 3.33
N ALA A 254 -7.35 13.83 3.80
CA ALA A 254 -7.38 14.10 5.24
C ALA A 254 -8.37 15.21 5.50
N MET A 255 -9.05 15.13 6.64
CA MET A 255 -10.08 16.10 6.98
C MET A 255 -10.06 16.41 8.47
N GLU A 256 -10.50 17.62 8.80
CA GLU A 256 -10.67 18.01 10.20
C GLU A 256 -11.76 19.07 10.24
N GLU A 257 -12.80 18.80 11.03
CA GLU A 257 -13.98 19.67 11.13
C GLU A 257 -14.03 20.21 12.55
N ALA A 258 -13.66 21.47 12.73
CA ALA A 258 -13.60 22.09 14.05
C ALA A 258 -14.78 23.05 14.21
N ASP A 259 -15.54 22.86 15.29
CA ASP A 259 -16.69 23.71 15.58
C ASP A 259 -16.25 24.91 16.41
N ASP A 260 -15.42 25.74 15.79
CA ASP A 260 -14.90 26.97 16.40
C ASP A 260 -15.58 28.14 15.71
N THR A 261 -16.64 28.65 16.34
CA THR A 261 -17.43 29.71 15.74
C THR A 261 -16.74 31.05 15.88
N VAL A 262 -17.21 32.02 15.08
CA VAL A 262 -16.73 33.40 15.13
C VAL A 262 -17.95 34.30 15.21
N ALA A 263 -18.00 35.15 16.23
CA ALA A 263 -19.12 36.05 16.38
C ALA A 263 -19.07 37.15 15.31
N PRO A 264 -20.21 37.78 15.03
CA PRO A 264 -20.21 38.87 14.05
C PRO A 264 -19.28 40.01 14.47
N SER A 265 -18.66 40.64 13.49
CA SER A 265 -17.74 41.75 13.74
C SER A 265 -16.61 41.30 14.67
N SER A 266 -16.11 40.09 14.45
CA SER A 266 -15.07 39.54 15.32
C SER A 266 -13.90 39.00 14.50
N THR A 267 -12.94 38.38 15.19
CA THR A 267 -11.76 37.83 14.56
C THR A 267 -11.48 36.46 15.16
N PHE A 268 -10.76 35.63 14.39
CA PHE A 268 -10.45 34.27 14.84
C PHE A 268 -9.18 33.83 14.13
N CYS A 269 -8.11 33.64 14.88
CA CYS A 269 -6.85 33.15 14.36
C CYS A 269 -6.51 31.82 15.04
N LYS A 270 -6.17 30.81 14.25
CA LYS A 270 -5.85 29.50 14.82
C LYS A 270 -4.92 28.76 13.88
N VAL A 271 -4.34 27.69 14.40
CA VAL A 271 -3.45 26.82 13.65
C VAL A 271 -4.01 25.41 13.71
N TYR A 272 -4.35 24.86 12.56
CA TYR A 272 -4.89 23.51 12.44
C TYR A 272 -3.82 22.60 11.86
N THR A 273 -3.54 21.50 12.55
CA THR A 273 -2.53 20.55 12.11
C THR A 273 -3.22 19.26 11.70
N LEU A 274 -2.92 18.79 10.49
CA LEU A 274 -3.48 17.55 10.00
C LEU A 274 -2.45 16.84 9.13
N THR A 275 -2.42 15.52 9.22
CA THR A 275 -1.42 14.70 8.53
C THR A 275 -2.12 13.74 7.59
N PRO A 276 -1.86 13.79 6.29
CA PRO A 276 -2.43 12.78 5.38
C PRO A 276 -1.64 11.48 5.47
N PHE A 277 -2.33 10.39 5.77
CA PHE A 277 -1.72 9.08 5.78
C PHE A 277 -2.68 8.07 5.17
N LEU A 278 -2.15 6.90 4.86
CA LEU A 278 -2.89 5.89 4.10
C LEU A 278 -3.71 4.96 4.98
N ALA A 279 -3.57 5.03 6.30
CA ALA A 279 -4.29 4.10 7.16
C ALA A 279 -5.79 4.25 7.02
N ASN A 280 -6.28 5.49 7.03
CA ASN A 280 -7.71 5.76 6.98
C ASN A 280 -8.22 6.01 5.56
N ASN A 281 -7.34 5.98 4.56
CA ASN A 281 -7.73 6.15 3.16
C ASN A 281 -7.71 4.84 2.41
N ARG A 282 -7.99 3.73 3.10
CA ARG A 282 -7.91 2.42 2.45
C ARG A 282 -9.06 2.19 1.49
N GLU A 283 -10.25 2.64 1.84
CA GLU A 283 -11.44 2.33 1.05
C GLU A 283 -11.64 3.25 -0.15
N LYS A 284 -10.90 4.34 -0.24
CA LYS A 284 -11.14 5.35 -1.28
C LYS A 284 -10.57 4.85 -2.60
N ARG A 285 -11.41 4.19 -3.38
CA ARG A 285 -10.99 3.71 -4.69
C ARG A 285 -10.66 4.89 -5.60
N GLY A 286 -9.69 4.68 -6.48
CA GLY A 286 -9.23 5.72 -7.37
C GLY A 286 -8.15 6.61 -6.80
N LEU A 287 -7.85 6.47 -5.51
CA LEU A 287 -6.74 7.21 -4.91
C LEU A 287 -5.43 6.79 -5.57
N ALA A 288 -4.60 7.77 -5.90
CA ALA A 288 -3.36 7.51 -6.61
C ALA A 288 -2.25 7.23 -5.60
N LEU A 289 -1.72 6.02 -5.65
CA LEU A 289 -0.60 5.62 -4.79
C LEU A 289 0.71 5.84 -5.53
N ASP A 290 1.81 5.73 -4.79
CA ASP A 290 3.11 6.13 -5.31
C ASP A 290 3.69 5.14 -6.32
N GLY A 291 3.08 3.98 -6.50
CA GLY A 291 3.59 3.03 -7.47
C GLY A 291 4.39 1.93 -6.83
N LYS A 292 4.12 0.69 -7.22
CA LYS A 292 4.71 -0.48 -6.61
C LYS A 292 5.21 -1.43 -7.70
N LEU A 293 6.31 -2.13 -7.40
CA LEU A 293 6.80 -3.14 -8.34
C LEU A 293 5.83 -4.30 -8.45
N LYS A 294 5.42 -4.85 -7.30
CA LYS A 294 4.40 -5.90 -7.25
C LYS A 294 3.31 -5.47 -6.28
N HIS A 295 2.37 -6.36 -5.98
CA HIS A 295 1.37 -6.05 -4.97
C HIS A 295 2.04 -5.85 -3.63
N GLU A 296 2.01 -4.61 -3.12
CA GLU A 296 2.65 -4.27 -1.86
C GLU A 296 2.04 -2.97 -1.35
N ASP A 297 2.63 -2.42 -0.30
CA ASP A 297 2.14 -1.19 0.32
C ASP A 297 3.03 -0.02 -0.06
N THR A 298 2.40 1.10 -0.41
CA THR A 298 3.11 2.31 -0.78
C THR A 298 2.29 3.51 -0.33
N ASN A 299 2.99 4.61 -0.07
CA ASN A 299 2.35 5.81 0.45
C ASN A 299 1.46 6.45 -0.62
N LEU A 300 0.83 7.55 -0.26
CA LEU A 300 0.07 8.33 -1.21
C LEU A 300 1.00 8.85 -2.31
N ALA A 301 0.47 8.95 -3.52
CA ALA A 301 1.29 9.34 -4.65
C ALA A 301 1.94 10.68 -4.40
N SER A 302 3.22 10.78 -4.76
CA SER A 302 3.95 12.03 -4.63
C SER A 302 3.53 13.01 -5.71
N SER A 303 3.65 14.30 -5.40
CA SER A 303 3.37 15.32 -6.39
C SER A 303 4.26 15.13 -7.61
N THR A 304 3.87 15.78 -8.71
CA THR A 304 4.60 15.70 -9.96
C THR A 304 5.21 17.05 -10.27
N LEU A 305 6.53 17.09 -10.46
CA LEU A 305 7.24 18.33 -10.73
C LEU A 305 7.37 18.59 -12.23
N LEU A 306 6.25 18.54 -12.95
CA LEU A 306 6.28 18.79 -14.38
C LEU A 306 6.76 20.20 -14.69
N ARG A 307 7.53 20.34 -15.77
CA ARG A 307 8.08 21.63 -16.16
C ARG A 307 6.98 22.61 -16.55
N GLU A 308 7.09 23.83 -16.02
CA GLU A 308 6.10 24.87 -16.32
C GLU A 308 6.06 25.16 -17.81
N GLY A 309 4.85 25.33 -18.35
CA GLY A 309 4.70 25.59 -19.77
C GLY A 309 4.82 24.38 -20.67
N ALA A 310 4.93 23.19 -20.10
CA ALA A 310 5.06 21.96 -20.87
C ALA A 310 3.69 21.50 -21.34
N ASN A 311 3.62 20.98 -22.57
CA ASN A 311 2.34 20.53 -23.09
C ASN A 311 1.80 19.43 -22.18
N ARG A 312 0.51 19.48 -21.90
CA ARG A 312 -0.12 18.53 -21.01
C ARG A 312 -0.71 17.33 -21.75
N GLU A 313 -0.67 17.35 -23.09
CA GLU A 313 -1.31 16.31 -23.90
C GLU A 313 -0.71 14.93 -23.64
N ILE A 314 0.62 14.84 -23.62
CA ILE A 314 1.29 13.56 -23.42
C ILE A 314 1.14 13.04 -22.00
N LEU A 315 1.16 13.93 -21.01
CA LEU A 315 1.21 13.48 -19.63
C LEU A 315 0.04 12.55 -19.33
N GLY A 316 0.35 11.41 -18.71
CA GLY A 316 -0.66 10.42 -18.38
C GLY A 316 -1.43 10.75 -17.13
N ILE A 317 -0.74 10.78 -15.99
CA ILE A 317 -1.34 11.16 -14.72
C ILE A 317 -0.44 12.20 -14.07
N ILE A 318 -1.02 13.32 -13.67
CA ILE A 318 -0.32 14.36 -12.94
C ILE A 318 -1.00 14.52 -11.59
N VAL A 319 -0.26 14.32 -10.52
CA VAL A 319 -0.82 14.37 -9.18
C VAL A 319 -0.45 15.69 -8.55
N SER A 320 -1.37 16.25 -7.76
CA SER A 320 -1.12 17.46 -7.01
C SER A 320 -1.99 17.42 -5.77
N TYR A 321 -1.65 18.26 -4.79
CA TYR A 321 -2.36 18.30 -3.53
C TYR A 321 -2.78 19.72 -3.22
N LYS A 322 -3.85 19.85 -2.45
CA LYS A 322 -4.34 21.16 -2.05
C LYS A 322 -4.99 21.07 -0.69
N VAL A 323 -4.67 22.02 0.18
CA VAL A 323 -5.34 22.16 1.47
C VAL A 323 -6.46 23.18 1.28
N LYS A 324 -7.68 22.76 1.55
CA LYS A 324 -8.87 23.58 1.35
C LYS A 324 -9.43 23.95 2.71
N VAL A 325 -9.57 25.25 2.95
CA VAL A 325 -10.15 25.79 4.17
C VAL A 325 -11.53 26.33 3.81
N LYS A 326 -12.56 25.84 4.49
CA LYS A 326 -13.94 26.20 4.18
C LYS A 326 -14.61 26.64 5.47
N LEU A 327 -15.16 27.86 5.44
CA LEU A 327 -15.94 28.40 6.55
C LEU A 327 -17.41 28.21 6.23
N VAL A 328 -18.13 27.50 7.10
CA VAL A 328 -19.56 27.26 6.93
C VAL A 328 -20.26 28.44 7.62
N VAL A 329 -20.47 29.50 6.85
CA VAL A 329 -21.08 30.71 7.37
C VAL A 329 -22.58 30.54 7.44
N SER A 330 -23.19 31.01 8.53
CA SER A 330 -24.64 30.93 8.67
C SER A 330 -25.30 31.74 7.57
N ARG A 331 -26.52 31.33 7.21
CA ARG A 331 -27.35 32.10 6.29
C ARG A 331 -28.68 32.50 6.93
N GLY A 332 -28.82 32.35 8.25
CA GLY A 332 -30.06 32.69 8.90
C GLY A 332 -30.33 34.19 8.86
N GLY A 333 -31.63 34.52 8.82
CA GLY A 333 -32.05 35.90 8.81
C GLY A 333 -33.34 36.11 9.57
N LEU A 334 -33.92 37.31 9.46
CA LEU A 334 -35.19 37.58 10.12
C LEU A 334 -36.28 36.64 9.61
N LEU A 335 -36.34 36.44 8.30
CA LEU A 335 -37.29 35.52 7.69
C LEU A 335 -36.59 34.81 6.54
N GLY A 336 -36.57 33.49 6.59
CA GLY A 336 -35.91 32.71 5.56
C GLY A 336 -35.88 31.24 5.93
N ASP A 337 -35.07 30.50 5.17
CA ASP A 337 -34.94 29.07 5.34
C ASP A 337 -33.73 28.77 6.23
N LEU A 338 -33.38 27.49 6.33
CA LEU A 338 -32.25 27.03 7.13
C LEU A 338 -30.95 26.99 6.33
N ALA A 339 -30.82 27.84 5.32
CA ALA A 339 -29.64 27.85 4.49
C ALA A 339 -28.41 28.24 5.29
N SER A 340 -27.24 27.81 4.81
CA SER A 340 -25.96 28.15 5.44
C SER A 340 -24.90 28.10 4.35
N SER A 341 -24.55 29.27 3.82
CA SER A 341 -23.53 29.36 2.78
C SER A 341 -22.16 29.05 3.38
N ASP A 342 -21.14 29.08 2.53
CA ASP A 342 -19.79 28.79 2.96
C ASP A 342 -18.80 29.42 1.99
N VAL A 343 -17.74 30.02 2.54
CA VAL A 343 -16.66 30.56 1.73
C VAL A 343 -15.49 29.59 1.80
N ALA A 344 -14.66 29.58 0.77
CA ALA A 344 -13.61 28.58 0.66
C ALA A 344 -12.35 29.19 0.08
N VAL A 345 -11.23 28.53 0.37
CA VAL A 345 -9.93 28.95 -0.16
C VAL A 345 -9.06 27.70 -0.27
N GLU A 346 -8.15 27.71 -1.25
CA GLU A 346 -7.33 26.54 -1.56
C GLU A 346 -5.87 26.94 -1.57
N LEU A 347 -5.02 26.04 -1.06
CA LEU A 347 -3.59 26.28 -0.92
C LEU A 347 -2.85 25.12 -1.56
N PRO A 348 -2.07 25.33 -2.62
CA PRO A 348 -1.32 24.21 -3.19
C PRO A 348 0.02 24.00 -2.51
N PHE A 349 0.38 22.73 -2.30
CA PHE A 349 1.65 22.37 -1.71
C PHE A 349 2.19 21.13 -2.42
N THR A 350 3.42 20.75 -2.06
CA THR A 350 4.11 19.62 -2.66
C THR A 350 4.32 18.55 -1.61
N LEU A 351 4.01 17.30 -1.95
CA LEU A 351 4.13 16.16 -1.03
C LEU A 351 5.04 15.13 -1.69
N MET A 352 6.34 15.18 -1.39
CA MET A 352 7.33 14.34 -2.05
C MET A 352 8.24 13.72 -1.01
N HIS A 353 9.24 12.90 -1.49
CA HIS A 353 10.28 12.37 -0.64
C HIS A 353 11.54 13.22 -0.72
N PRO A 354 12.37 13.22 0.31
CA PRO A 354 13.69 13.84 0.19
C PRO A 354 14.63 12.98 -0.65
N LYS A 355 15.58 13.64 -1.31
CA LYS A 355 16.51 12.93 -2.17
C LYS A 355 17.32 11.92 -1.35
N PRO A 356 17.05 10.62 -1.49
CA PRO A 356 17.73 9.63 -0.66
C PRO A 356 18.97 9.05 -1.31
N LYS A 357 19.65 8.17 -0.59
CA LYS A 357 20.69 7.33 -1.17
C LYS A 357 20.20 5.92 -1.48
N GLU A 358 18.93 5.63 -1.21
CA GLU A 358 18.33 4.33 -1.48
C GLU A 358 16.83 4.42 -1.20
N GLU A 359 16.06 3.63 -1.95
CA GLU A 359 14.60 3.63 -1.83
C GLU A 359 14.09 2.25 -2.21
N PRO A 360 14.02 1.33 -1.25
CA PRO A 360 13.58 -0.03 -1.57
C PRO A 360 12.09 -0.08 -1.85
N PRO A 361 11.67 -0.40 -3.09
CA PRO A 361 10.24 -0.50 -3.37
C PRO A 361 9.68 -1.85 -2.93
N HIS A 362 8.87 -1.83 -1.87
CA HIS A 362 8.20 -3.03 -1.38
C HIS A 362 9.21 -4.12 -1.06
N ARG A 363 10.04 -3.84 -0.05
CA ARG A 363 11.09 -4.75 0.37
C ARG A 363 10.54 -6.14 0.68
N VAL B 5 14.12 14.77 19.83
CA VAL B 5 14.50 13.44 19.40
C VAL B 5 14.93 12.60 20.59
N GLN B 6 14.00 12.36 21.51
CA GLN B 6 14.31 11.63 22.74
C GLN B 6 13.08 10.82 23.13
N LEU B 7 13.06 9.55 22.74
CA LEU B 7 12.01 8.64 23.18
C LEU B 7 12.29 8.23 24.63
N VAL B 8 11.29 8.35 25.48
CA VAL B 8 11.43 8.06 26.90
C VAL B 8 10.36 7.06 27.30
N GLU B 9 10.76 5.97 27.93
CA GLU B 9 9.86 4.92 28.35
C GLU B 9 9.60 5.00 29.85
N SER B 10 8.42 4.58 30.26
CA SER B 10 8.04 4.63 31.67
C SER B 10 6.90 3.64 31.92
N GLY B 11 6.67 3.37 33.19
CA GLY B 11 5.58 2.51 33.60
C GLY B 11 5.95 1.08 33.93
N GLY B 12 7.24 0.79 34.14
CA GLY B 12 7.69 -0.56 34.43
C GLY B 12 7.94 -0.75 35.92
N GLY B 13 7.41 -1.85 36.44
CA GLY B 13 7.59 -2.15 37.85
C GLY B 13 7.19 -3.58 38.14
N LEU B 14 7.41 -3.99 39.38
CA LEU B 14 7.13 -5.37 39.78
C LEU B 14 5.64 -5.67 39.65
N VAL B 15 5.33 -6.85 39.14
CA VAL B 15 3.96 -7.31 38.96
C VAL B 15 3.89 -8.79 39.30
N GLN B 16 2.84 -9.19 39.99
CA GLN B 16 2.65 -10.60 40.27
C GLN B 16 2.40 -11.35 38.97
N PRO B 17 2.85 -12.61 38.87
CA PRO B 17 2.65 -13.35 37.62
C PRO B 17 1.18 -13.46 37.27
N GLY B 18 0.88 -13.33 35.99
CA GLY B 18 -0.48 -13.31 35.52
C GLY B 18 -1.17 -11.97 35.63
N GLY B 19 -0.49 -10.95 36.14
CA GLY B 19 -1.07 -9.64 36.26
C GLY B 19 -0.96 -8.85 34.97
N SER B 20 -1.22 -7.55 35.09
CA SER B 20 -1.19 -6.63 33.97
C SER B 20 -0.13 -5.56 34.20
N LEU B 21 0.08 -4.74 33.17
CA LEU B 21 1.03 -3.64 33.23
C LEU B 21 0.91 -2.86 31.94
N ARG B 22 1.38 -1.62 31.95
CA ARG B 22 1.30 -0.75 30.79
C ARG B 22 2.57 0.08 30.67
N LEU B 23 3.28 -0.08 29.55
CA LEU B 23 4.49 0.68 29.29
C LEU B 23 4.18 1.78 28.30
N SER B 24 4.61 3.01 28.62
CA SER B 24 4.35 4.17 27.79
C SER B 24 5.67 4.72 27.27
N CYS B 25 5.76 4.89 25.96
CA CYS B 25 6.92 5.45 25.29
C CYS B 25 6.51 6.76 24.65
N ALA B 26 7.00 7.87 25.22
CA ALA B 26 6.70 9.20 24.72
C ALA B 26 7.84 9.66 23.83
N ALA B 27 7.50 10.00 22.59
CA ALA B 27 8.49 10.41 21.60
C ALA B 27 8.44 11.92 21.42
N SER B 28 9.61 12.56 21.47
CA SER B 28 9.75 13.99 21.28
C SER B 28 10.52 14.24 20.00
N GLY B 29 9.97 15.06 19.13
CA GLY B 29 10.62 15.34 17.85
C GLY B 29 10.34 14.31 16.78
N PHE B 30 9.46 13.35 17.03
CA PHE B 30 9.10 12.32 16.06
C PHE B 30 7.61 12.42 15.77
N ASN B 31 7.25 12.27 14.50
CA ASN B 31 5.86 12.17 14.09
C ASN B 31 5.53 10.69 13.95
N VAL B 32 4.54 10.23 14.72
CA VAL B 32 4.22 8.81 14.72
C VAL B 32 3.88 8.31 13.33
N TYR B 33 3.62 9.20 12.38
CA TYR B 33 3.32 8.79 11.02
C TYR B 33 4.56 8.71 10.15
N SER B 34 5.62 9.45 10.45
CA SER B 34 6.89 9.33 9.75
C SER B 34 7.86 8.43 10.47
N SER B 35 7.44 7.76 11.55
CA SER B 35 8.29 6.85 12.28
C SER B 35 7.48 5.64 12.72
N SER B 36 8.16 4.52 12.84
CA SER B 36 7.57 3.28 13.32
C SER B 36 8.17 2.95 14.69
N ILE B 37 7.32 2.55 15.63
CA ILE B 37 7.72 2.40 17.02
C ILE B 37 7.77 0.92 17.36
N HIS B 38 8.91 0.46 17.88
CA HIS B 38 9.13 -0.93 18.22
C HIS B 38 9.44 -1.06 19.71
N TRP B 39 9.06 -2.20 20.28
CA TRP B 39 9.38 -2.56 21.65
C TRP B 39 10.26 -3.79 21.62
N VAL B 40 11.46 -3.66 22.19
CA VAL B 40 12.47 -4.71 22.21
C VAL B 40 12.84 -4.98 23.65
N ARG B 41 12.78 -6.23 24.07
CA ARG B 41 13.05 -6.60 25.45
C ARG B 41 14.34 -7.40 25.55
N GLN B 42 15.11 -7.13 26.59
CA GLN B 42 16.36 -7.83 26.87
C GLN B 42 16.25 -8.48 28.24
N ALA B 43 16.35 -9.80 28.27
CA ALA B 43 16.29 -10.52 29.54
C ALA B 43 17.58 -10.30 30.33
N PRO B 44 17.55 -10.55 31.63
CA PRO B 44 18.79 -10.38 32.42
C PRO B 44 19.87 -11.34 31.95
N GLY B 45 20.95 -10.78 31.44
CA GLY B 45 22.02 -11.58 30.87
C GLY B 45 21.54 -12.39 29.69
N LYS B 46 21.15 -11.70 28.62
CA LYS B 46 20.67 -12.37 27.41
C LYS B 46 20.68 -11.37 26.27
N GLY B 47 20.50 -11.88 25.06
CA GLY B 47 20.48 -11.03 23.89
C GLY B 47 19.15 -10.32 23.71
N LEU B 48 19.17 -9.32 22.85
CA LEU B 48 17.97 -8.55 22.58
C LEU B 48 16.93 -9.43 21.89
N GLU B 49 15.66 -9.13 22.16
CA GLU B 49 14.55 -9.82 21.52
C GLU B 49 13.48 -8.82 21.16
N TRP B 50 12.97 -8.91 19.95
CA TRP B 50 11.94 -7.99 19.48
C TRP B 50 10.58 -8.45 19.97
N VAL B 51 9.83 -7.55 20.59
CA VAL B 51 8.58 -7.91 21.25
C VAL B 51 7.36 -7.35 20.54
N ALA B 52 7.44 -6.18 19.91
CA ALA B 52 6.25 -5.67 19.23
C ALA B 52 6.63 -4.52 18.32
N SER B 53 5.72 -4.16 17.43
CA SER B 53 5.96 -3.04 16.54
C SER B 53 4.63 -2.48 16.05
N ILE B 54 4.60 -1.16 15.86
CA ILE B 54 3.43 -0.48 15.30
C ILE B 54 3.91 0.55 14.30
N SER B 55 3.30 0.56 13.12
CA SER B 55 3.51 1.59 12.11
C SER B 55 2.16 2.23 11.82
N SER B 56 2.01 3.49 12.24
CA SER B 56 0.72 4.16 12.15
C SER B 56 0.38 4.60 10.74
N TYR B 57 1.37 4.94 9.93
CA TYR B 57 1.08 5.40 8.57
C TYR B 57 0.26 4.38 7.81
N TYR B 58 0.54 3.10 8.03
CA TYR B 58 -0.25 2.03 7.44
C TYR B 58 -1.23 1.40 8.42
N GLY B 59 -1.12 1.71 9.70
CA GLY B 59 -1.94 1.06 10.70
C GLY B 59 -1.51 -0.34 11.04
N TYR B 60 -0.34 -0.78 10.56
CA TYR B 60 0.10 -2.15 10.79
C TYR B 60 0.59 -2.33 12.22
N THR B 61 0.42 -3.53 12.73
CA THR B 61 0.82 -3.87 14.09
C THR B 61 1.27 -5.31 14.13
N TYR B 62 2.52 -5.55 14.52
CA TYR B 62 3.10 -6.87 14.54
C TYR B 62 3.54 -7.22 15.96
N TYR B 63 3.51 -8.52 16.27
CA TYR B 63 3.96 -9.03 17.55
C TYR B 63 4.88 -10.22 17.34
N ALA B 64 5.73 -10.46 18.32
CA ALA B 64 6.54 -11.68 18.32
C ALA B 64 5.65 -12.88 18.64
N ASP B 65 5.99 -14.02 18.05
CA ASP B 65 5.17 -15.21 18.22
C ASP B 65 5.02 -15.62 19.67
N SER B 66 5.96 -15.23 20.53
CA SER B 66 5.90 -15.61 21.94
C SER B 66 4.99 -14.71 22.77
N VAL B 67 4.47 -13.62 22.19
CA VAL B 67 3.64 -12.68 22.95
C VAL B 67 2.36 -12.38 22.18
N LYS B 68 1.94 -13.30 21.32
CA LYS B 68 0.67 -13.13 20.63
C LYS B 68 -0.46 -13.11 21.64
N GLY B 69 -1.42 -12.22 21.44
CA GLY B 69 -2.58 -12.16 22.29
C GLY B 69 -2.33 -11.54 23.66
N ARG B 70 -1.26 -11.97 24.34
CA ARG B 70 -0.99 -11.43 25.68
C ARG B 70 -0.67 -9.95 25.62
N PHE B 71 0.08 -9.52 24.60
CA PHE B 71 0.55 -8.14 24.49
C PHE B 71 -0.23 -7.42 23.41
N THR B 72 -0.61 -6.17 23.69
CA THR B 72 -1.29 -5.31 22.74
C THR B 72 -0.53 -4.00 22.66
N ILE B 73 -0.22 -3.58 21.44
CA ILE B 73 0.50 -2.33 21.19
C ILE B 73 -0.43 -1.36 20.49
N SER B 74 -0.51 -0.15 21.02
CA SER B 74 -1.35 0.90 20.49
C SER B 74 -0.57 2.20 20.42
N ALA B 75 -1.14 3.19 19.75
CA ALA B 75 -0.48 4.48 19.62
C ALA B 75 -1.51 5.59 19.74
N ASP B 76 -1.18 6.61 20.53
CA ASP B 76 -1.96 7.84 20.64
C ASP B 76 -1.19 8.90 19.88
N THR B 77 -1.60 9.17 18.64
CA THR B 77 -0.90 10.13 17.80
C THR B 77 -1.09 11.55 18.30
N SER B 78 -2.17 11.82 19.04
CA SER B 78 -2.37 13.16 19.60
C SER B 78 -1.24 13.52 20.55
N LYS B 79 -0.85 12.59 21.41
CA LYS B 79 0.27 12.79 22.33
C LYS B 79 1.58 12.23 21.78
N ASN B 80 1.59 11.73 20.56
CA ASN B 80 2.77 11.13 19.95
C ASN B 80 3.39 10.09 20.88
N THR B 81 2.55 9.19 21.38
CA THR B 81 2.95 8.21 22.37
C THR B 81 2.58 6.82 21.90
N ALA B 82 3.33 5.83 22.37
CA ALA B 82 3.05 4.43 22.10
C ALA B 82 2.86 3.69 23.41
N TYR B 83 1.95 2.73 23.42
CA TYR B 83 1.62 1.98 24.63
C TYR B 83 1.73 0.50 24.37
N LEU B 84 2.31 -0.23 25.32
CA LEU B 84 2.31 -1.68 25.31
C LEU B 84 1.51 -2.14 26.53
N GLN B 85 0.38 -2.79 26.28
CA GLN B 85 -0.49 -3.29 27.33
C GLN B 85 -0.21 -4.77 27.52
N MET B 86 0.46 -5.11 28.63
CA MET B 86 0.97 -6.45 28.86
C MET B 86 0.06 -7.13 29.88
N ASN B 87 -0.64 -8.18 29.46
CA ASN B 87 -1.60 -8.88 30.29
C ASN B 87 -1.18 -10.34 30.40
N SER B 88 -1.49 -10.94 31.55
CA SER B 88 -1.20 -12.35 31.80
C SER B 88 0.30 -12.63 31.64
N LEU B 89 1.08 -11.97 32.50
CA LEU B 89 2.54 -12.03 32.43
C LEU B 89 3.03 -13.35 33.01
N ARG B 90 3.74 -14.14 32.20
CA ARG B 90 4.40 -15.32 32.70
C ARG B 90 5.74 -14.95 33.32
N ALA B 91 6.36 -15.93 33.99
CA ALA B 91 7.65 -15.69 34.63
C ALA B 91 8.78 -15.44 33.64
N GLU B 92 8.55 -15.71 32.36
CA GLU B 92 9.57 -15.52 31.33
C GLU B 92 9.52 -14.13 30.70
N ASP B 93 8.66 -13.23 31.20
CA ASP B 93 8.55 -11.88 30.67
C ASP B 93 9.32 -10.86 31.49
N THR B 94 10.13 -11.32 32.46
CA THR B 94 10.96 -10.41 33.23
C THR B 94 12.12 -9.94 32.37
N ALA B 95 12.26 -8.63 32.21
CA ALA B 95 13.32 -8.11 31.33
C ALA B 95 13.30 -6.59 31.36
N VAL B 96 14.30 -6.00 30.71
CA VAL B 96 14.34 -4.57 30.47
C VAL B 96 13.73 -4.31 29.11
N TYR B 97 12.68 -3.50 29.08
CA TYR B 97 11.97 -3.19 27.84
C TYR B 97 12.40 -1.83 27.34
N TYR B 98 12.98 -1.80 26.14
CA TYR B 98 13.42 -0.58 25.50
C TYR B 98 12.52 -0.26 24.32
N CYS B 99 12.24 1.02 24.13
CA CYS B 99 11.41 1.50 23.04
C CYS B 99 12.31 2.14 22.00
N ALA B 100 12.14 1.73 20.74
CA ALA B 100 12.99 2.21 19.66
C ALA B 100 12.13 2.77 18.54
N ARG B 101 12.71 3.67 17.77
CA ARG B 101 12.06 4.27 16.62
C ARG B 101 12.85 3.94 15.37
N SER B 102 12.14 3.79 14.26
CA SER B 102 12.77 3.58 12.96
C SER B 102 12.11 4.49 11.94
N ARG B 103 12.90 4.96 10.98
CA ARG B 103 12.35 5.77 9.91
C ARG B 103 11.20 5.03 9.24
N GLN B 104 10.02 5.64 9.22
CA GLN B 104 8.85 4.94 8.69
C GLN B 104 9.06 4.57 7.24
N PHE B 105 9.62 5.48 6.45
CA PHE B 105 9.77 5.26 5.03
C PHE B 105 11.18 4.78 4.77
N TRP B 106 11.27 3.53 4.31
CA TRP B 106 12.56 2.92 4.03
C TRP B 106 13.34 2.75 5.32
N TYR B 107 12.80 1.92 6.20
CA TYR B 107 13.43 1.47 7.44
C TYR B 107 14.93 1.30 7.26
N SER B 108 15.69 1.91 8.16
CA SER B 108 17.15 1.90 8.09
C SER B 108 17.74 1.63 9.46
N GLY B 109 17.23 0.60 10.14
CA GLY B 109 17.67 0.26 11.47
C GLY B 109 16.93 1.07 12.52
N LEU B 110 17.09 0.65 13.77
CA LEU B 110 16.46 1.31 14.91
C LEU B 110 17.31 2.51 15.29
N ASP B 111 16.93 3.69 14.80
CA ASP B 111 17.73 4.89 14.98
C ASP B 111 17.92 5.21 16.46
N TYR B 112 16.83 5.52 17.15
CA TYR B 112 16.86 6.01 18.53
C TYR B 112 16.22 5.01 19.46
N TRP B 113 16.76 4.92 20.67
CA TRP B 113 16.29 3.99 21.67
C TRP B 113 15.90 4.73 22.95
N GLY B 114 15.01 4.13 23.72
CA GLY B 114 14.73 4.62 25.04
C GLY B 114 15.74 4.10 26.04
N GLN B 115 15.64 4.62 27.26
CA GLN B 115 16.56 4.19 28.31
C GLN B 115 16.21 2.84 28.89
N GLY B 116 15.03 2.32 28.59
CA GLY B 116 14.66 0.99 29.05
C GLY B 116 14.08 0.99 30.44
N THR B 117 12.94 0.31 30.62
CA THR B 117 12.28 0.19 31.90
C THR B 117 12.29 -1.26 32.34
N LEU B 118 12.68 -1.51 33.59
CA LEU B 118 12.69 -2.86 34.10
C LEU B 118 11.27 -3.35 34.34
N VAL B 119 11.06 -4.65 34.15
CA VAL B 119 9.80 -5.30 34.46
C VAL B 119 10.14 -6.63 35.10
N THR B 120 9.80 -6.79 36.37
CA THR B 120 10.15 -7.98 37.16
C THR B 120 8.85 -8.66 37.56
N VAL B 121 8.49 -9.73 36.86
CA VAL B 121 7.29 -10.49 37.15
C VAL B 121 7.70 -11.70 37.98
N SER B 122 7.56 -11.58 39.30
CA SER B 122 7.88 -12.65 40.22
C SER B 122 6.78 -12.77 41.26
N SER B 123 6.55 -14.00 41.72
CA SER B 123 5.51 -14.25 42.70
C SER B 123 5.93 -13.85 44.10
N ALA B 124 7.23 -13.81 44.38
CA ALA B 124 7.69 -13.51 45.73
C ALA B 124 7.32 -12.09 46.12
N SER B 125 7.13 -11.88 47.42
CA SER B 125 6.80 -10.59 47.98
C SER B 125 8.04 -9.89 48.51
N THR B 126 7.94 -8.56 48.64
CA THR B 126 9.05 -7.77 49.14
C THR B 126 9.47 -8.27 50.51
N LYS B 127 10.78 -8.42 50.71
CA LYS B 127 11.33 -8.91 51.96
C LYS B 127 12.63 -8.19 52.26
N GLY B 128 13.17 -8.44 53.45
CA GLY B 128 14.40 -7.83 53.89
C GLY B 128 15.55 -8.81 53.85
N PRO B 129 16.77 -8.28 53.76
CA PRO B 129 17.95 -9.15 53.66
C PRO B 129 18.41 -9.67 55.01
N SER B 130 19.18 -10.75 54.96
CA SER B 130 19.85 -11.32 56.13
C SER B 130 21.35 -11.33 55.86
N VAL B 131 22.13 -10.88 56.85
CA VAL B 131 23.55 -10.66 56.69
C VAL B 131 24.31 -11.72 57.49
N PHE B 132 25.28 -12.35 56.84
CA PHE B 132 26.17 -13.32 57.48
C PHE B 132 27.61 -12.87 57.27
N PRO B 133 28.39 -12.59 58.32
CA PRO B 133 29.81 -12.26 58.14
C PRO B 133 30.63 -13.51 57.92
N LEU B 134 31.10 -13.72 56.69
CA LEU B 134 31.89 -14.89 56.35
C LEU B 134 33.26 -14.48 55.80
N LEU B 148 38.26 -10.88 54.69
CA LEU B 148 36.98 -10.73 55.37
C LEU B 148 35.85 -10.52 54.38
N GLY B 149 34.92 -11.47 54.34
CA GLY B 149 33.80 -11.41 53.42
C GLY B 149 32.49 -11.31 54.16
N CYS B 150 31.50 -10.68 53.51
CA CYS B 150 30.17 -10.53 54.06
C CYS B 150 29.15 -10.90 53.00
N LEU B 151 28.21 -11.78 53.36
CA LEU B 151 27.18 -12.24 52.44
C LEU B 151 25.81 -11.73 52.88
N VAL B 152 24.96 -11.45 51.90
CA VAL B 152 23.58 -11.04 52.14
C VAL B 152 22.69 -11.97 51.34
N LYS B 153 21.64 -12.49 51.97
CA LYS B 153 20.77 -13.46 51.33
C LYS B 153 19.32 -13.16 51.65
N ASP B 154 18.43 -13.65 50.78
CA ASP B 154 16.99 -13.58 51.02
C ASP B 154 16.50 -12.12 51.02
N TYR B 155 16.86 -11.40 49.96
CA TYR B 155 16.45 -10.01 49.79
C TYR B 155 15.81 -9.85 48.43
N PHE B 156 14.70 -9.12 48.39
CA PHE B 156 13.90 -9.00 47.18
C PHE B 156 12.91 -7.85 47.34
N PRO B 157 12.77 -6.96 46.35
CA PRO B 157 13.51 -6.82 45.09
C PRO B 157 14.86 -6.14 45.24
N GLU B 158 15.45 -5.78 44.12
CA GLU B 158 16.73 -5.09 44.03
C GLU B 158 16.53 -3.60 43.93
N PRO B 159 17.60 -2.80 44.09
CA PRO B 159 18.98 -3.18 44.36
C PRO B 159 19.33 -3.10 45.84
N VAL B 160 20.57 -3.48 46.17
CA VAL B 160 21.09 -3.39 47.53
C VAL B 160 22.49 -2.79 47.44
N THR B 161 22.78 -1.83 48.31
CA THR B 161 24.07 -1.16 48.35
C THR B 161 24.88 -1.70 49.52
N VAL B 162 26.16 -1.99 49.27
CA VAL B 162 27.06 -2.49 50.29
C VAL B 162 28.32 -1.63 50.28
N SER B 163 28.72 -1.16 51.46
CA SER B 163 29.89 -0.30 51.60
C SER B 163 30.78 -0.85 52.70
N TRP B 164 32.06 -1.02 52.41
CA TRP B 164 33.04 -1.51 53.36
C TRP B 164 33.77 -0.32 53.99
N ASN B 165 33.92 -0.36 55.32
CA ASN B 165 34.54 0.72 56.07
C ASN B 165 33.77 2.03 55.89
N SER B 166 32.46 1.93 55.71
CA SER B 166 31.59 3.09 55.55
C SER B 166 31.96 3.90 54.30
N GLY B 167 32.50 3.23 53.28
CA GLY B 167 32.88 3.88 52.05
C GLY B 167 34.37 4.17 51.92
N ALA B 168 35.18 3.77 52.89
CA ALA B 168 36.62 4.01 52.89
C ALA B 168 37.38 2.69 52.94
N LEU B 169 36.94 1.71 52.15
CA LEU B 169 37.60 0.42 52.09
C LEU B 169 37.74 -0.06 50.66
N GLY B 172 41.44 -3.97 46.21
CA GLY B 172 41.06 -5.37 46.32
C GLY B 172 39.65 -5.54 46.85
N VAL B 173 38.75 -4.65 46.43
CA VAL B 173 37.36 -4.67 46.85
C VAL B 173 36.53 -5.24 45.71
N HIS B 174 35.79 -6.31 45.99
CA HIS B 174 34.93 -6.94 44.99
C HIS B 174 33.55 -7.16 45.57
N THR B 175 32.54 -7.03 44.71
CA THR B 175 31.15 -7.26 45.10
C THR B 175 30.49 -8.08 44.00
N PHE B 176 30.13 -9.31 44.33
CA PHE B 176 29.51 -10.18 43.33
C PHE B 176 28.14 -9.65 42.95
N PRO B 177 27.82 -9.53 41.66
CA PRO B 177 26.48 -9.07 41.29
C PRO B 177 25.40 -9.98 41.82
N ALA B 178 24.25 -9.39 42.14
CA ALA B 178 23.13 -10.14 42.70
C ALA B 178 22.78 -11.33 41.82
N VAL B 179 22.65 -12.50 42.44
CA VAL B 179 22.33 -13.74 41.75
C VAL B 179 20.98 -14.22 42.26
N LEU B 180 20.06 -14.49 41.34
CA LEU B 180 18.74 -14.99 41.72
C LEU B 180 18.83 -16.42 42.20
N GLN B 181 17.89 -16.79 43.07
CA GLN B 181 17.77 -18.15 43.58
C GLN B 181 16.40 -18.70 43.19
N SER B 182 16.34 -20.03 43.02
CA SER B 182 15.08 -20.67 42.66
C SER B 182 13.98 -20.32 43.66
N SER B 183 14.34 -20.07 44.92
CA SER B 183 13.36 -19.70 45.92
C SER B 183 12.68 -18.38 45.57
N GLY B 184 13.31 -17.54 44.76
CA GLY B 184 12.78 -16.25 44.35
C GLY B 184 13.55 -15.07 44.91
N LEU B 185 14.19 -15.24 46.07
CA LEU B 185 14.96 -14.16 46.66
C LEU B 185 16.34 -14.08 46.03
N TYR B 186 17.05 -13.00 46.34
CA TYR B 186 18.37 -12.74 45.79
C TYR B 186 19.46 -13.09 46.82
N SER B 187 20.70 -12.90 46.40
CA SER B 187 21.86 -13.13 47.26
C SER B 187 23.06 -12.45 46.64
N LEU B 188 23.80 -11.69 47.46
CA LEU B 188 25.00 -10.99 47.04
C LEU B 188 26.10 -11.20 48.07
N SER B 189 27.31 -10.81 47.71
CA SER B 189 28.45 -10.97 48.60
C SER B 189 29.48 -9.89 48.29
N SER B 190 30.27 -9.54 49.30
CA SER B 190 31.33 -8.56 49.17
C SER B 190 32.57 -9.06 49.89
N VAL B 191 33.73 -8.83 49.29
CA VAL B 191 35.00 -9.27 49.86
C VAL B 191 36.03 -8.17 49.67
N VAL B 192 36.84 -7.94 50.70
CA VAL B 192 37.96 -7.00 50.67
C VAL B 192 39.19 -7.73 51.17
N THR B 193 40.27 -7.68 50.40
CA THR B 193 41.50 -8.36 50.77
C THR B 193 42.25 -7.57 51.85
N VAL B 194 42.79 -8.30 52.82
CA VAL B 194 43.53 -7.67 53.91
C VAL B 194 44.87 -8.38 54.09
N TYR B 204 36.18 -4.25 59.04
CA TYR B 204 35.47 -3.01 59.31
C TYR B 204 33.98 -3.24 59.40
N ILE B 205 33.21 -2.17 59.31
CA ILE B 205 31.74 -2.23 59.38
C ILE B 205 31.21 -2.24 57.95
N CYS B 206 30.46 -3.29 57.61
CA CYS B 206 29.87 -3.44 56.29
C CYS B 206 28.46 -2.88 56.33
N ASN B 207 28.28 -1.66 55.83
CA ASN B 207 26.98 -1.00 55.83
C ASN B 207 26.19 -1.48 54.61
N VAL B 208 25.00 -2.04 54.86
CA VAL B 208 24.13 -2.56 53.82
C VAL B 208 22.84 -1.76 53.83
N ASN B 209 22.51 -1.16 52.70
CA ASN B 209 21.29 -0.38 52.52
C ASN B 209 20.38 -1.10 51.54
N HIS B 210 19.12 -1.29 51.94
CA HIS B 210 18.12 -2.01 51.15
C HIS B 210 17.02 -1.01 50.83
N LYS B 211 17.16 -0.32 49.70
CA LYS B 211 16.25 0.77 49.36
C LYS B 211 14.81 0.30 49.17
N PRO B 212 14.51 -0.70 48.33
CA PRO B 212 13.10 -1.03 48.08
C PRO B 212 12.35 -1.50 49.30
N SER B 213 13.05 -1.98 50.33
CA SER B 213 12.44 -2.24 51.63
C SER B 213 12.83 -1.21 52.68
N ASN B 214 13.75 -0.30 52.36
CA ASN B 214 14.16 0.77 53.28
C ASN B 214 14.67 0.18 54.60
N THR B 215 15.78 -0.56 54.50
CA THR B 215 16.39 -1.21 55.65
C THR B 215 17.87 -0.89 55.69
N LYS B 216 18.42 -0.89 56.91
CA LYS B 216 19.85 -0.64 57.12
C LYS B 216 20.41 -1.73 58.03
N VAL B 217 21.57 -2.26 57.65
CA VAL B 217 22.26 -3.28 58.43
C VAL B 217 23.73 -2.91 58.54
N ASP B 218 24.37 -3.35 59.63
CA ASP B 218 25.77 -3.07 59.87
C ASP B 218 26.37 -4.24 60.63
N LYS B 219 27.34 -4.91 60.02
CA LYS B 219 28.03 -6.04 60.63
C LYS B 219 29.52 -5.76 60.70
N LYS B 220 30.13 -6.10 61.83
CA LYS B 220 31.56 -5.92 62.05
C LYS B 220 32.27 -7.25 61.83
N VAL B 221 33.17 -7.29 60.85
CA VAL B 221 33.89 -8.51 60.54
C VAL B 221 35.29 -8.44 61.14
N SER C 1 9.18 -14.95 7.83
CA SER C 1 9.85 -16.18 8.35
C SER C 1 10.71 -15.87 9.56
N ASP C 2 10.92 -16.86 10.41
CA ASP C 2 11.77 -16.72 11.59
C ASP C 2 13.19 -17.09 11.20
N ILE C 3 14.02 -16.09 10.95
CA ILE C 3 15.40 -16.28 10.51
C ILE C 3 16.30 -16.18 11.73
N GLN C 4 17.10 -17.21 11.96
CA GLN C 4 18.02 -17.24 13.08
C GLN C 4 19.39 -16.73 12.64
N MET C 5 19.90 -15.73 13.34
CA MET C 5 21.21 -15.16 13.05
C MET C 5 22.19 -15.63 14.10
N THR C 6 23.33 -16.15 13.66
CA THR C 6 24.39 -16.63 14.54
C THR C 6 25.55 -15.66 14.47
N GLN C 7 25.85 -15.00 15.57
CA GLN C 7 26.96 -14.07 15.65
C GLN C 7 28.11 -14.74 16.40
N SER C 8 29.28 -14.75 15.78
CA SER C 8 30.45 -15.39 16.35
C SER C 8 31.68 -14.52 16.16
N PRO C 9 32.65 -14.61 17.08
CA PRO C 9 32.62 -15.42 18.29
C PRO C 9 31.82 -14.77 19.41
N SER C 10 31.39 -15.56 20.39
CA SER C 10 30.62 -15.03 21.52
C SER C 10 31.52 -14.36 22.55
N SER C 11 32.80 -14.19 22.26
CA SER C 11 33.71 -13.49 23.16
C SER C 11 34.97 -13.15 22.39
N LEU C 12 35.67 -12.11 22.85
CA LEU C 12 36.89 -11.68 22.21
C LEU C 12 37.80 -11.01 23.24
N SER C 13 39.10 -11.21 23.07
CA SER C 13 40.12 -10.49 23.80
C SER C 13 41.00 -9.79 22.78
N ALA C 14 41.09 -8.47 22.86
CA ALA C 14 41.86 -7.70 21.91
C ALA C 14 42.43 -6.47 22.62
N SER C 15 43.61 -6.07 22.19
CA SER C 15 44.26 -4.89 22.74
C SER C 15 43.95 -3.67 21.88
N VAL C 16 44.21 -2.49 22.45
CA VAL C 16 43.99 -1.25 21.71
C VAL C 16 44.84 -1.25 20.45
N GLY C 17 44.24 -0.85 19.34
CA GLY C 17 44.94 -0.75 18.08
C GLY C 17 44.88 -1.98 17.21
N ASP C 18 44.34 -3.09 17.72
CA ASP C 18 44.22 -4.30 16.91
C ASP C 18 42.97 -4.24 16.05
N ARG C 19 42.93 -5.11 15.04
CA ARG C 19 41.76 -5.25 14.19
C ARG C 19 40.85 -6.33 14.78
N VAL C 20 39.58 -5.97 14.99
CA VAL C 20 38.60 -6.88 15.55
C VAL C 20 37.54 -7.16 14.49
N THR C 21 37.20 -8.43 14.31
CA THR C 21 36.22 -8.84 13.32
C THR C 21 35.17 -9.73 13.96
N ILE C 22 33.90 -9.41 13.76
CA ILE C 22 32.79 -10.21 14.25
C ILE C 22 31.92 -10.58 13.05
N THR C 23 31.52 -11.85 12.99
CA THR C 23 30.79 -12.36 11.84
C THR C 23 29.38 -12.74 12.24
N CYS C 24 28.46 -12.63 11.28
CA CYS C 24 27.04 -12.91 11.47
C CYS C 24 26.57 -13.74 10.29
N ARG C 25 26.05 -14.93 10.58
CA ARG C 25 25.56 -15.84 9.55
C ARG C 25 24.06 -15.97 9.67
N ALA C 26 23.35 -15.73 8.57
CA ALA C 26 21.90 -15.81 8.55
C ALA C 26 21.46 -17.14 7.97
N SER C 27 20.40 -17.72 8.55
CA SER C 27 19.89 -19.00 8.07
C SER C 27 19.56 -18.93 6.59
N GLN C 28 18.58 -18.10 6.24
CA GLN C 28 18.19 -17.92 4.84
C GLN C 28 18.96 -16.71 4.28
N SER C 29 18.56 -16.27 3.09
CA SER C 29 19.20 -15.14 2.44
C SER C 29 18.49 -13.85 2.85
N VAL C 30 19.28 -12.87 3.29
CA VAL C 30 18.79 -11.53 3.61
C VAL C 30 19.54 -10.56 2.71
N SER C 31 18.79 -9.82 1.89
CA SER C 31 19.37 -8.99 0.85
C SER C 31 19.91 -7.69 1.46
N SER C 32 21.11 -7.77 2.00
CA SER C 32 21.85 -6.62 2.52
C SER C 32 21.08 -5.86 3.59
N ALA C 33 20.01 -6.42 4.12
CA ALA C 33 19.22 -5.76 5.15
C ALA C 33 19.65 -6.24 6.53
N VAL C 34 20.82 -5.79 6.93
CA VAL C 34 21.40 -6.15 8.22
C VAL C 34 21.98 -4.91 8.87
N ALA C 35 21.81 -4.80 10.18
CA ALA C 35 22.30 -3.66 10.94
C ALA C 35 23.07 -4.15 12.15
N TRP C 36 24.02 -3.36 12.61
CA TRP C 36 24.91 -3.71 13.71
C TRP C 36 24.74 -2.71 14.83
N TYR C 37 24.33 -3.18 16.00
CA TYR C 37 24.16 -2.35 17.18
C TYR C 37 25.33 -2.54 18.13
N GLN C 38 25.40 -1.71 19.17
CA GLN C 38 26.47 -1.78 20.15
C GLN C 38 25.91 -1.35 21.49
N GLN C 39 25.76 -2.28 22.42
CA GLN C 39 25.20 -2.01 23.73
C GLN C 39 26.29 -2.15 24.79
N LYS C 40 26.60 -1.04 25.45
CA LYS C 40 27.48 -1.08 26.59
C LYS C 40 26.70 -1.50 27.83
N PRO C 41 27.38 -2.01 28.85
CA PRO C 41 26.65 -2.45 30.05
C PRO C 41 25.80 -1.33 30.62
N GLY C 42 24.54 -1.65 30.91
CA GLY C 42 23.61 -0.68 31.46
C GLY C 42 22.91 0.14 30.40
N LYS C 43 23.67 0.82 29.56
CA LYS C 43 23.09 1.71 28.55
C LYS C 43 22.29 0.91 27.53
N ALA C 44 21.64 1.61 26.61
CA ALA C 44 20.85 0.99 25.56
C ALA C 44 21.65 0.93 24.27
N PRO C 45 21.31 0.00 23.38
CA PRO C 45 22.09 -0.15 22.14
C PRO C 45 22.16 1.15 21.36
N LYS C 46 23.05 1.16 20.37
CA LYS C 46 23.24 2.33 19.52
C LYS C 46 23.60 1.85 18.13
N LEU C 47 22.80 2.23 17.14
CA LEU C 47 23.07 1.80 15.78
C LEU C 47 24.46 2.23 15.33
N LEU C 48 25.15 1.33 14.65
CA LEU C 48 26.48 1.60 14.13
C LEU C 48 26.52 1.55 12.61
N ILE C 49 26.04 0.46 12.00
CA ILE C 49 26.03 0.32 10.55
C ILE C 49 24.70 -0.28 10.14
N TYR C 50 24.11 0.26 9.07
CA TYR C 50 22.87 -0.25 8.52
C TYR C 50 23.07 -0.58 7.05
N SER C 51 22.22 -1.47 6.54
CA SER C 51 22.34 -2.02 5.20
C SER C 51 23.60 -2.86 5.02
N ALA C 52 24.27 -3.21 6.12
CA ALA C 52 25.43 -4.09 6.11
C ALA C 52 26.66 -3.41 5.55
N SER C 53 26.51 -2.20 5.00
CA SER C 53 27.65 -1.48 4.44
C SER C 53 27.71 -0.01 4.82
N SER C 54 26.60 0.62 5.19
CA SER C 54 26.58 2.04 5.48
C SER C 54 26.93 2.29 6.94
N LEU C 55 27.29 3.53 7.23
CA LEU C 55 27.59 3.96 8.59
C LEU C 55 26.56 5.00 9.02
N TYR C 56 26.00 4.81 10.20
CA TYR C 56 25.06 5.78 10.75
C TYR C 56 25.77 7.10 10.98
N SER C 57 25.06 8.20 10.73
CA SER C 57 25.65 9.52 10.85
C SER C 57 26.03 9.79 12.31
N GLY C 58 27.32 9.82 12.60
CA GLY C 58 27.81 10.10 13.93
C GLY C 58 28.63 8.97 14.49
N VAL C 59 29.05 8.04 13.63
CA VAL C 59 29.79 6.86 14.05
C VAL C 59 31.24 7.00 13.61
N PRO C 60 32.22 6.62 14.44
CA PRO C 60 33.61 6.74 14.01
C PRO C 60 33.88 5.93 12.75
N SER C 61 34.78 6.44 11.91
CA SER C 61 35.07 5.81 10.64
C SER C 61 35.77 4.47 10.77
N ARG C 62 36.26 4.13 11.97
CA ARG C 62 36.96 2.85 12.13
C ARG C 62 36.01 1.68 11.88
N PHE C 63 34.78 1.77 12.37
CA PHE C 63 33.82 0.69 12.14
C PHE C 63 33.52 0.56 10.65
N SER C 64 33.54 -0.67 10.16
CA SER C 64 33.20 -0.95 8.77
C SER C 64 32.33 -2.20 8.72
N GLY C 65 31.44 -2.23 7.75
CA GLY C 65 30.57 -3.39 7.54
C GLY C 65 30.76 -3.93 6.14
N SER C 66 30.71 -5.25 6.01
CA SER C 66 30.88 -5.89 4.72
C SER C 66 29.96 -7.10 4.64
N ARG C 67 29.63 -7.50 3.42
CA ARG C 67 28.75 -8.63 3.16
C ARG C 67 29.38 -9.53 2.11
N SER C 68 29.13 -10.83 2.25
CA SER C 68 29.50 -11.81 1.22
C SER C 68 28.52 -12.97 1.34
N GLY C 69 27.72 -13.17 0.31
CA GLY C 69 26.67 -14.17 0.42
C GLY C 69 25.75 -13.81 1.56
N THR C 70 25.54 -14.77 2.46
CA THR C 70 24.74 -14.56 3.66
C THR C 70 25.60 -14.43 4.90
N ASP C 71 26.86 -14.02 4.74
CA ASP C 71 27.78 -13.81 5.86
C ASP C 71 28.16 -12.34 5.91
N PHE C 72 27.83 -11.69 7.01
CA PHE C 72 28.14 -10.28 7.21
C PHE C 72 29.25 -10.15 8.25
N THR C 73 30.05 -9.09 8.13
CA THR C 73 31.17 -8.90 9.04
C THR C 73 31.27 -7.44 9.44
N LEU C 74 31.43 -7.22 10.74
CA LEU C 74 31.74 -5.90 11.29
C LEU C 74 33.20 -5.90 11.73
N THR C 75 33.94 -4.90 11.26
CA THR C 75 35.37 -4.82 11.50
C THR C 75 35.69 -3.47 12.14
N ILE C 76 36.29 -3.50 13.32
CA ILE C 76 36.88 -2.34 13.95
C ILE C 76 38.36 -2.37 13.60
N SER C 77 38.77 -1.47 12.71
CA SER C 77 40.14 -1.51 12.19
C SER C 77 41.15 -1.19 13.28
N SER C 78 40.90 -0.15 14.07
CA SER C 78 41.81 0.30 15.12
C SER C 78 40.99 0.43 16.41
N LEU C 79 40.93 -0.66 17.17
CA LEU C 79 40.13 -0.67 18.39
C LEU C 79 40.63 0.40 19.36
N GLN C 80 39.69 1.07 20.01
CA GLN C 80 39.95 2.07 21.02
C GLN C 80 39.35 1.61 22.34
N PRO C 81 39.78 2.19 23.47
CA PRO C 81 39.24 1.72 24.76
C PRO C 81 37.76 2.03 24.95
N GLU C 82 37.18 2.90 24.12
CA GLU C 82 35.76 3.19 24.17
C GLU C 82 34.94 2.26 23.29
N ASP C 83 35.60 1.35 22.55
CA ASP C 83 34.91 0.44 21.64
C ASP C 83 34.76 -0.96 22.21
N PHE C 84 34.98 -1.13 23.52
CA PHE C 84 34.90 -2.44 24.16
C PHE C 84 33.52 -2.58 24.79
N ALA C 85 32.60 -3.17 24.03
CA ALA C 85 31.24 -3.39 24.49
C ALA C 85 30.69 -4.64 23.82
N THR C 86 29.38 -4.82 23.87
CA THR C 86 28.71 -5.96 23.25
C THR C 86 28.08 -5.48 21.94
N TYR C 87 28.45 -6.14 20.84
CA TYR C 87 27.97 -5.77 19.52
C TYR C 87 26.99 -6.82 19.00
N TYR C 88 25.82 -6.38 18.57
CA TYR C 88 24.75 -7.25 18.11
C TYR C 88 24.62 -7.16 16.59
N CYS C 89 23.66 -7.92 16.06
CA CYS C 89 23.48 -8.06 14.62
C CYS C 89 22.01 -8.32 14.35
N GLN C 90 21.37 -7.44 13.59
CA GLN C 90 19.95 -7.54 13.30
C GLN C 90 19.74 -7.79 11.81
N GLN C 91 18.68 -8.53 11.49
CA GLN C 91 18.30 -8.84 10.12
C GLN C 91 16.85 -8.41 9.96
N TYR C 92 16.65 -7.18 9.45
CA TYR C 92 15.34 -6.55 9.42
C TYR C 92 14.64 -6.69 8.07
N LYS C 93 14.86 -7.78 7.35
CA LYS C 93 14.18 -7.95 6.08
C LYS C 93 12.84 -8.66 6.23
N TYR C 94 12.77 -9.70 7.06
CA TYR C 94 11.54 -10.46 7.27
C TYR C 94 11.09 -10.30 8.71
N VAL C 95 9.78 -10.08 8.87
CA VAL C 95 9.19 -10.05 10.22
C VAL C 95 9.11 -11.48 10.75
N PRO C 96 9.44 -11.73 12.02
CA PRO C 96 9.94 -10.81 13.04
C PRO C 96 11.42 -10.50 12.88
N VAL C 97 11.82 -9.29 13.27
CA VAL C 97 13.24 -8.94 13.28
C VAL C 97 13.96 -9.80 14.30
N THR C 98 15.14 -10.28 13.94
CA THR C 98 15.89 -11.19 14.79
C THR C 98 17.29 -10.64 15.04
N PHE C 99 17.73 -10.74 16.29
CA PHE C 99 19.05 -10.30 16.70
C PHE C 99 19.97 -11.50 16.89
N GLY C 100 21.27 -11.24 16.83
CA GLY C 100 22.25 -12.27 17.07
C GLY C 100 22.42 -12.55 18.55
N GLN C 101 23.25 -13.55 18.84
CA GLN C 101 23.50 -13.92 20.23
C GLN C 101 24.31 -12.86 20.98
N GLY C 102 24.95 -11.94 20.27
CA GLY C 102 25.71 -10.89 20.91
C GLY C 102 27.16 -11.27 21.13
N THR C 103 28.07 -10.47 20.58
CA THR C 103 29.50 -10.68 20.74
C THR C 103 30.07 -9.68 21.73
N LYS C 104 30.76 -10.17 22.74
CA LYS C 104 31.34 -9.32 23.78
C LYS C 104 32.83 -9.17 23.54
N VAL C 105 33.30 -7.93 23.49
CA VAL C 105 34.70 -7.62 23.21
C VAL C 105 35.34 -7.20 24.52
N GLU C 106 36.27 -8.02 25.00
CA GLU C 106 37.02 -7.73 26.23
C GLU C 106 38.31 -7.00 25.86
N ILE C 107 39.21 -6.87 26.84
CA ILE C 107 40.52 -6.23 26.65
C ILE C 107 41.60 -7.25 26.99
N LYS C 108 42.54 -7.43 26.08
CA LYS C 108 43.61 -8.41 26.28
C LYS C 108 44.51 -7.98 27.44
N ARG C 109 44.89 -8.96 28.25
CA ARG C 109 45.77 -8.70 29.39
C ARG C 109 46.60 -9.94 29.65
N THR C 110 47.72 -9.75 30.34
CA THR C 110 48.61 -10.85 30.68
C THR C 110 47.92 -11.80 31.65
N VAL C 111 48.21 -13.10 31.50
CA VAL C 111 47.60 -14.11 32.35
C VAL C 111 47.97 -13.85 33.81
N ALA C 112 46.99 -14.00 34.69
CA ALA C 112 47.19 -13.83 36.12
C ALA C 112 46.49 -14.95 36.85
N ALA C 113 47.21 -15.58 37.79
CA ALA C 113 46.62 -16.68 38.55
C ALA C 113 45.68 -16.14 39.63
N PRO C 114 44.67 -16.91 40.00
CA PRO C 114 43.74 -16.47 41.04
C PRO C 114 44.37 -16.59 42.43
N SER C 115 43.57 -16.26 43.45
CA SER C 115 43.95 -16.39 44.86
C SER C 115 42.82 -17.12 45.56
N VAL C 116 42.91 -18.46 45.60
CA VAL C 116 41.82 -19.25 46.15
C VAL C 116 41.59 -18.86 47.60
N PHE C 117 40.32 -18.64 47.95
CA PHE C 117 39.92 -18.36 49.32
C PHE C 117 38.64 -19.12 49.62
N ILE C 118 38.49 -19.51 50.89
CA ILE C 118 37.34 -20.29 51.33
C ILE C 118 36.69 -19.60 52.52
N PHE C 119 35.39 -19.81 52.67
CA PHE C 119 34.62 -19.23 53.76
C PHE C 119 33.56 -20.22 54.21
N PRO C 120 33.65 -20.78 55.43
CA PRO C 120 32.61 -21.70 55.90
C PRO C 120 31.35 -20.95 56.25
N PRO C 121 30.24 -21.66 56.48
CA PRO C 121 28.99 -20.98 56.83
C PRO C 121 29.12 -20.19 58.13
N SER C 122 28.43 -19.06 58.17
CA SER C 122 28.42 -18.20 59.34
C SER C 122 27.31 -18.62 60.30
N ASP C 123 27.45 -18.18 61.56
CA ASP C 123 26.44 -18.53 62.56
C ASP C 123 25.08 -17.97 62.19
N SER C 124 25.02 -16.72 61.75
CA SER C 124 23.74 -16.12 61.37
C SER C 124 23.13 -16.85 60.19
N GLN C 125 23.94 -17.17 59.18
CA GLN C 125 23.44 -17.88 58.00
C GLN C 125 23.31 -19.37 58.22
N LEU C 126 23.89 -19.92 59.28
CA LEU C 126 23.82 -21.34 59.59
C LEU C 126 23.39 -21.56 61.03
N LYS C 127 22.48 -20.71 61.51
CA LYS C 127 21.98 -20.81 62.88
C LYS C 127 21.22 -22.12 63.07
N ALA C 131 25.70 -24.09 55.75
CA ALA C 131 24.66 -23.25 55.17
C ALA C 131 25.03 -22.85 53.75
N SER C 132 26.13 -22.10 53.61
CA SER C 132 26.57 -21.63 52.29
C SER C 132 28.09 -21.50 52.33
N VAL C 133 28.78 -22.51 51.80
CA VAL C 133 30.24 -22.47 51.70
C VAL C 133 30.62 -21.58 50.52
N VAL C 134 31.52 -20.63 50.76
CA VAL C 134 31.88 -19.63 49.76
C VAL C 134 33.28 -19.93 49.26
N CYS C 135 33.42 -19.99 47.93
CA CYS C 135 34.71 -20.09 47.26
C CYS C 135 34.96 -18.82 46.48
N LEU C 136 36.19 -18.30 46.57
CA LEU C 136 36.52 -17.01 46.00
C LEU C 136 37.81 -17.08 45.20
N LEU C 137 37.78 -16.52 43.99
CA LEU C 137 38.95 -16.32 43.16
C LEU C 137 38.98 -14.86 42.75
N ASN C 138 40.17 -14.24 42.79
CA ASN C 138 40.29 -12.81 42.55
C ASN C 138 41.43 -12.54 41.58
N ASN C 139 41.29 -11.45 40.83
CA ASN C 139 42.35 -10.93 39.97
C ASN C 139 43.04 -12.06 39.21
N PHE C 140 42.24 -12.76 38.41
CA PHE C 140 42.73 -13.85 37.59
C PHE C 140 42.37 -13.59 36.13
N TYR C 141 42.97 -14.40 35.25
CA TYR C 141 42.79 -14.25 33.81
C TYR C 141 43.11 -15.58 33.14
N PRO C 142 42.34 -16.02 32.14
CA PRO C 142 41.12 -15.39 31.62
C PRO C 142 39.93 -15.53 32.56
N ARG C 143 38.74 -15.23 32.05
CA ARG C 143 37.53 -15.36 32.86
C ARG C 143 37.29 -16.81 33.24
N GLU C 144 37.51 -17.73 32.31
CA GLU C 144 37.24 -19.15 32.55
C GLU C 144 38.11 -19.66 33.70
N ALA C 145 37.49 -20.42 34.60
CA ALA C 145 38.16 -21.02 35.74
C ALA C 145 37.78 -22.49 35.84
N LYS C 146 38.78 -23.34 36.07
CA LYS C 146 38.57 -24.78 36.15
C LYS C 146 39.33 -25.37 37.32
N VAL C 147 39.26 -24.70 38.47
CA VAL C 147 39.88 -25.18 39.70
C VAL C 147 38.83 -25.15 40.80
N GLN C 148 38.72 -26.24 41.55
CA GLN C 148 37.75 -26.37 42.61
C GLN C 148 38.43 -26.27 43.97
N TRP C 149 37.66 -25.83 44.97
CA TRP C 149 38.16 -25.70 46.33
C TRP C 149 37.92 -26.98 47.11
N LYS C 150 38.82 -27.27 48.03
CA LYS C 150 38.71 -28.49 48.82
C LYS C 150 37.40 -28.50 49.60
N VAL C 151 36.72 -29.64 49.54
CA VAL C 151 35.43 -29.80 50.23
C VAL C 151 35.51 -30.96 51.20
N GLN C 156 32.82 -33.87 46.35
CA GLN C 156 31.54 -33.30 46.79
C GLN C 156 31.14 -32.12 45.91
N SER C 157 30.17 -32.36 45.01
CA SER C 157 29.68 -31.35 44.10
C SER C 157 28.18 -31.21 44.31
N GLY C 158 27.75 -30.10 44.90
CA GLY C 158 26.36 -29.81 45.14
C GLY C 158 25.78 -28.86 44.10
N ASN C 159 24.84 -28.03 44.55
CA ASN C 159 24.21 -27.01 43.71
C ASN C 159 24.73 -25.66 44.17
N SER C 160 25.58 -25.04 43.34
CA SER C 160 26.20 -23.77 43.66
C SER C 160 25.96 -22.78 42.54
N GLN C 161 25.65 -21.54 42.91
CA GLN C 161 25.45 -20.45 41.96
C GLN C 161 26.72 -19.63 41.91
N GLU C 162 27.32 -19.54 40.72
CA GLU C 162 28.57 -18.82 40.53
C GLU C 162 28.28 -17.41 40.03
N SER C 163 28.97 -16.43 40.62
CA SER C 163 28.83 -15.03 40.24
C SER C 163 30.21 -14.46 39.97
N VAL C 164 30.34 -13.73 38.87
CA VAL C 164 31.60 -13.14 38.46
C VAL C 164 31.37 -11.67 38.14
N THR C 165 32.26 -10.81 38.65
CA THR C 165 32.15 -9.39 38.42
C THR C 165 32.63 -9.03 37.01
N GLU C 166 32.32 -7.80 36.60
CA GLU C 166 32.78 -7.32 35.31
C GLU C 166 34.29 -7.10 35.34
N GLN C 167 34.88 -7.07 34.14
CA GLN C 167 36.31 -6.89 34.02
C GLN C 167 36.73 -5.60 34.72
N ASP C 168 37.54 -5.74 35.78
CA ASP C 168 37.93 -4.61 36.59
C ASP C 168 38.62 -3.55 35.73
N SER C 169 38.20 -2.29 35.90
CA SER C 169 38.79 -1.21 35.11
C SER C 169 40.27 -1.03 35.46
N LYS C 170 40.61 -1.15 36.74
CA LYS C 170 41.99 -0.89 37.17
C LYS C 170 42.97 -1.86 36.52
N ASP C 171 42.82 -3.15 36.82
CA ASP C 171 43.77 -4.17 36.40
C ASP C 171 43.25 -5.06 35.28
N SER C 172 42.05 -4.80 34.77
CA SER C 172 41.47 -5.59 33.68
C SER C 172 41.41 -7.07 34.06
N THR C 173 41.03 -7.35 35.30
CA THR C 173 40.91 -8.71 35.83
C THR C 173 39.47 -8.98 36.24
N TYR C 174 39.24 -10.18 36.77
CA TYR C 174 37.90 -10.65 37.12
C TYR C 174 37.88 -11.09 38.58
N SER C 175 36.74 -11.63 39.00
CA SER C 175 36.58 -12.14 40.36
C SER C 175 35.36 -13.03 40.40
N LEU C 176 35.53 -14.26 40.85
CA LEU C 176 34.44 -15.23 40.93
C LEU C 176 34.17 -15.52 42.39
N SER C 177 32.92 -15.32 42.81
CA SER C 177 32.48 -15.54 44.19
C SER C 177 31.33 -16.54 44.15
N SER C 178 31.66 -17.82 44.22
CA SER C 178 30.67 -18.88 44.15
C SER C 178 30.25 -19.31 45.56
N THR C 179 29.00 -19.74 45.68
CA THR C 179 28.45 -20.21 46.94
C THR C 179 27.73 -21.53 46.71
N LEU C 180 28.00 -22.51 47.57
CA LEU C 180 27.41 -23.83 47.49
C LEU C 180 26.60 -24.09 48.76
N THR C 181 25.36 -24.54 48.58
CA THR C 181 24.46 -24.83 49.69
C THR C 181 24.38 -26.34 49.91
N LEU C 182 24.34 -26.74 51.18
CA LEU C 182 24.27 -28.15 51.54
C LEU C 182 23.86 -28.24 53.01
N SER C 183 23.90 -29.44 53.56
CA SER C 183 23.53 -29.66 54.95
C SER C 183 24.51 -28.97 55.88
N LYS C 184 24.02 -28.59 57.06
CA LYS C 184 24.85 -27.90 58.05
C LYS C 184 25.97 -28.78 58.59
N ALA C 185 25.89 -30.10 58.40
CA ALA C 185 26.90 -31.02 58.90
C ALA C 185 28.06 -31.20 57.95
N ASP C 186 28.03 -30.58 56.76
CA ASP C 186 29.08 -30.71 55.76
C ASP C 186 29.94 -29.47 55.67
N TYR C 187 29.94 -28.61 56.69
CA TYR C 187 30.71 -27.39 56.68
C TYR C 187 32.07 -27.53 57.35
N GLU C 188 32.24 -28.52 58.23
CA GLU C 188 33.50 -28.74 58.93
C GLU C 188 34.48 -29.59 58.13
N LYS C 189 34.04 -30.21 57.04
CA LYS C 189 34.90 -31.06 56.23
C LYS C 189 35.57 -30.30 55.09
N HIS C 190 35.66 -28.99 55.20
CA HIS C 190 36.29 -28.17 54.16
C HIS C 190 37.05 -27.00 54.77
N MET D 109 -55.36 -7.04 -43.12
CA MET D 109 -56.49 -6.85 -44.03
C MET D 109 -55.99 -6.67 -45.46
N VAL D 110 -54.86 -5.98 -45.61
CA VAL D 110 -54.28 -5.71 -46.92
C VAL D 110 -53.09 -6.64 -47.11
N LEU D 111 -53.19 -7.52 -48.11
CA LEU D 111 -52.11 -8.45 -48.41
C LEU D 111 -52.25 -8.90 -49.86
N ASN D 112 -51.32 -8.46 -50.71
CA ASN D 112 -51.36 -8.86 -52.11
C ASN D 112 -51.09 -10.36 -52.24
N PRO D 113 -51.79 -11.06 -53.13
CA PRO D 113 -51.54 -12.52 -53.24
C PRO D 113 -50.10 -12.85 -53.59
N SER D 114 -49.45 -12.05 -54.44
CA SER D 114 -48.05 -12.28 -54.75
C SER D 114 -47.17 -11.98 -53.54
N GLN D 115 -47.45 -10.89 -52.83
CA GLN D 115 -46.67 -10.53 -51.65
C GLN D 115 -47.09 -11.30 -50.40
N GLN D 116 -48.28 -11.91 -50.42
CA GLN D 116 -48.78 -12.56 -49.21
C GLN D 116 -47.83 -13.66 -48.74
N LEU D 117 -47.64 -14.69 -49.55
CA LEU D 117 -46.79 -15.80 -49.14
C LEU D 117 -45.35 -15.34 -48.94
N ALA D 118 -44.89 -14.41 -49.76
CA ALA D 118 -43.51 -13.92 -49.64
C ALA D 118 -43.28 -13.33 -48.26
N ILE D 119 -44.14 -12.39 -47.84
CA ILE D 119 -43.96 -11.77 -46.53
C ILE D 119 -44.18 -12.79 -45.43
N ALA D 120 -45.11 -13.72 -45.62
CA ALA D 120 -45.35 -14.75 -44.60
C ALA D 120 -44.07 -15.55 -44.34
N VAL D 121 -43.46 -16.08 -45.41
CA VAL D 121 -42.26 -16.88 -45.24
C VAL D 121 -41.11 -16.04 -44.72
N LEU D 122 -40.98 -14.81 -45.21
CA LEU D 122 -39.92 -13.92 -44.72
C LEU D 122 -40.04 -13.72 -43.22
N SER D 123 -41.25 -13.38 -42.76
CA SER D 123 -41.46 -13.15 -41.34
C SER D 123 -41.19 -14.41 -40.54
N LEU D 124 -41.66 -15.57 -41.01
CA LEU D 124 -41.44 -16.80 -40.29
C LEU D 124 -39.95 -17.09 -40.13
N THR D 125 -39.21 -17.00 -41.24
CA THR D 125 -37.78 -17.29 -41.18
C THR D 125 -37.05 -16.32 -40.26
N LEU D 126 -37.33 -15.02 -40.40
CA LEU D 126 -36.64 -14.03 -39.58
C LEU D 126 -36.96 -14.24 -38.10
N GLY D 127 -38.22 -14.50 -37.77
CA GLY D 127 -38.58 -14.72 -36.38
C GLY D 127 -37.89 -15.94 -35.81
N THR D 128 -37.89 -17.04 -36.55
CA THR D 128 -37.23 -18.26 -36.08
C THR D 128 -35.74 -18.01 -35.85
N PHE D 129 -35.08 -17.37 -36.81
CA PHE D 129 -33.64 -17.18 -36.68
C PHE D 129 -33.33 -16.27 -35.49
N THR D 130 -34.11 -15.20 -35.32
CA THR D 130 -33.90 -14.29 -34.22
C THR D 130 -34.12 -14.97 -32.88
N VAL D 131 -35.19 -15.76 -32.76
CA VAL D 131 -35.45 -16.42 -31.48
C VAL D 131 -34.35 -17.43 -31.18
N LEU D 132 -33.84 -18.14 -32.19
CA LEU D 132 -32.72 -19.04 -31.95
C LEU D 132 -31.51 -18.28 -31.41
N GLU D 133 -31.10 -17.22 -32.10
CA GLU D 133 -29.93 -16.47 -31.63
C GLU D 133 -30.12 -15.96 -30.21
N ASN D 134 -31.30 -15.39 -29.95
CA ASN D 134 -31.54 -14.77 -28.64
C ASN D 134 -31.58 -15.82 -27.54
N LEU D 135 -32.21 -16.97 -27.81
CA LEU D 135 -32.21 -18.05 -26.83
C LEU D 135 -30.79 -18.50 -26.52
N LEU D 136 -29.97 -18.68 -27.57
CA LEU D 136 -28.59 -19.09 -27.35
C LEU D 136 -27.85 -18.08 -26.49
N VAL D 137 -27.99 -16.80 -26.81
CA VAL D 137 -27.23 -15.78 -26.09
C VAL D 137 -27.67 -15.67 -24.64
N LEU D 138 -28.99 -15.76 -24.39
CA LEU D 138 -29.48 -15.62 -23.03
C LEU D 138 -29.19 -16.86 -22.21
N CYS D 139 -29.07 -18.02 -22.85
CA CYS D 139 -28.68 -19.20 -22.09
C CYS D 139 -27.19 -19.13 -21.79
N VAL D 140 -26.39 -18.69 -22.75
CA VAL D 140 -24.95 -18.61 -22.57
C VAL D 140 -24.56 -17.55 -21.56
N ILE D 141 -25.45 -16.61 -21.25
CA ILE D 141 -25.08 -15.49 -20.40
C ILE D 141 -25.95 -15.45 -19.15
N LEU D 142 -26.40 -16.61 -18.69
CA LEU D 142 -27.17 -16.72 -17.46
C LEU D 142 -26.43 -17.60 -16.47
N HIS D 143 -26.32 -17.14 -15.22
CA HIS D 143 -25.66 -17.83 -14.12
C HIS D 143 -24.14 -17.85 -14.22
N SER D 144 -23.57 -17.36 -15.32
CA SER D 144 -22.12 -17.40 -15.46
C SER D 144 -21.45 -16.56 -14.37
N ARG D 145 -20.12 -16.67 -14.29
CA ARG D 145 -19.37 -16.06 -13.21
C ARG D 145 -19.09 -14.59 -13.47
N SER D 146 -18.35 -14.29 -14.54
CA SER D 146 -18.01 -12.92 -14.88
C SER D 146 -18.95 -12.32 -15.90
N LEU D 147 -19.69 -13.14 -16.64
CA LEU D 147 -20.65 -12.66 -17.63
C LEU D 147 -22.00 -12.34 -17.00
N ARG D 148 -22.15 -12.54 -15.69
CA ARG D 148 -23.38 -12.22 -14.98
C ARG D 148 -23.29 -10.95 -14.16
N CYS D 149 -22.27 -10.83 -13.30
CA CYS D 149 -22.18 -9.67 -12.43
C CYS D 149 -21.92 -8.38 -13.19
N ARG D 150 -21.31 -8.48 -14.37
CA ARG D 150 -20.97 -7.27 -15.11
C ARG D 150 -22.24 -6.56 -15.58
N PRO D 151 -22.30 -5.22 -15.50
CA PRO D 151 -23.52 -4.52 -15.93
C PRO D 151 -23.71 -4.52 -17.43
N SER D 152 -22.63 -4.44 -18.21
CA SER D 152 -22.78 -4.49 -19.67
C SER D 152 -23.37 -5.82 -20.11
N TYR D 153 -22.92 -6.92 -19.50
CA TYR D 153 -23.52 -8.22 -19.79
C TYR D 153 -24.99 -8.23 -19.42
N HIS D 154 -25.33 -7.60 -18.29
CA HIS D 154 -26.73 -7.51 -17.89
C HIS D 154 -27.56 -6.79 -18.94
N PHE D 155 -27.06 -5.66 -19.44
CA PHE D 155 -27.79 -4.92 -20.45
C PHE D 155 -27.93 -5.72 -21.73
N ILE D 156 -26.85 -6.39 -22.15
CA ILE D 156 -26.91 -7.19 -23.37
C ILE D 156 -27.93 -8.31 -23.23
N GLY D 157 -27.94 -8.98 -22.08
CA GLY D 157 -28.93 -10.04 -21.87
C GLY D 157 -30.35 -9.50 -21.85
N SER D 158 -30.55 -8.34 -21.22
CA SER D 158 -31.87 -7.74 -21.21
C SER D 158 -32.33 -7.40 -22.62
N LEU D 159 -31.44 -6.84 -23.43
CA LEU D 159 -31.79 -6.56 -24.81
C LEU D 159 -32.13 -7.85 -25.56
N ALA D 160 -31.34 -8.90 -25.35
CA ALA D 160 -31.59 -10.15 -26.06
C ALA D 160 -32.96 -10.72 -25.70
N VAL D 161 -33.28 -10.78 -24.40
CA VAL D 161 -34.57 -11.33 -23.99
C VAL D 161 -35.69 -10.45 -24.50
N ALA D 162 -35.55 -9.14 -24.39
CA ALA D 162 -36.60 -8.24 -24.84
C ALA D 162 -36.86 -8.41 -26.32
N ASP D 163 -35.81 -8.47 -27.13
CA ASP D 163 -36.01 -8.57 -28.57
C ASP D 163 -36.51 -9.94 -28.97
N LEU D 164 -36.14 -11.00 -28.24
CA LEU D 164 -36.69 -12.31 -28.53
C LEU D 164 -38.19 -12.34 -28.26
N LEU D 165 -38.61 -11.84 -27.08
CA LEU D 165 -40.04 -11.78 -26.78
C LEU D 165 -40.77 -10.93 -27.83
N GLY D 166 -40.19 -9.78 -28.18
CA GLY D 166 -40.82 -8.93 -29.17
C GLY D 166 -40.94 -9.61 -30.51
N SER D 167 -39.89 -10.31 -30.95
CA SER D 167 -39.94 -11.01 -32.22
C SER D 167 -41.03 -12.07 -32.21
N VAL D 168 -41.11 -12.85 -31.13
CA VAL D 168 -42.12 -13.90 -31.07
C VAL D 168 -43.53 -13.30 -31.15
N ILE D 169 -43.80 -12.31 -30.31
CA ILE D 169 -45.14 -11.72 -30.27
C ILE D 169 -45.45 -11.04 -31.60
N PHE D 170 -44.49 -10.30 -32.14
CA PHE D 170 -44.72 -9.56 -33.37
C PHE D 170 -44.97 -10.50 -34.54
N VAL D 171 -44.20 -11.58 -34.66
CA VAL D 171 -44.44 -12.51 -35.75
C VAL D 171 -45.80 -13.17 -35.58
N TYR D 172 -46.16 -13.57 -34.36
CA TYR D 172 -47.48 -14.15 -34.15
C TYR D 172 -48.57 -13.19 -34.60
N SER D 173 -48.51 -11.94 -34.14
CA SER D 173 -49.55 -10.98 -34.49
C SER D 173 -49.57 -10.70 -35.98
N PHE D 174 -48.40 -10.56 -36.60
CA PHE D 174 -48.35 -10.27 -38.03
C PHE D 174 -48.92 -11.40 -38.85
N ILE D 175 -48.61 -12.65 -38.49
CA ILE D 175 -49.19 -13.78 -39.20
C ILE D 175 -50.71 -13.81 -39.00
N ASP D 176 -51.16 -13.60 -37.76
CA ASP D 176 -52.58 -13.56 -37.49
C ASP D 176 -53.27 -12.44 -38.27
N PHE D 177 -52.53 -11.38 -38.60
CA PHE D 177 -53.13 -10.23 -39.28
C PHE D 177 -53.18 -10.45 -40.80
N HIS D 178 -52.08 -10.85 -41.40
CA HIS D 178 -51.99 -10.97 -42.85
C HIS D 178 -52.36 -12.36 -43.37
N VAL D 179 -52.68 -13.32 -42.50
CA VAL D 179 -53.09 -14.64 -42.96
C VAL D 179 -54.45 -15.00 -42.37
N PHE D 180 -54.52 -15.08 -41.05
CA PHE D 180 -55.77 -15.46 -40.38
C PHE D 180 -56.77 -14.32 -40.34
N HIS D 181 -56.32 -13.07 -40.47
CA HIS D 181 -57.20 -11.91 -40.45
C HIS D 181 -58.14 -11.97 -39.25
N ARG D 182 -57.57 -12.22 -38.07
CA ARG D 182 -58.38 -12.35 -36.86
C ARG D 182 -59.22 -11.11 -36.64
N LYS D 183 -58.57 -9.98 -36.37
CA LYS D 183 -59.28 -8.73 -36.12
C LYS D 183 -60.39 -8.93 -35.10
N ASP D 184 -60.08 -9.71 -34.06
CA ASP D 184 -61.11 -10.10 -33.10
C ASP D 184 -61.84 -8.88 -32.53
N SER D 185 -61.13 -7.79 -32.34
CA SER D 185 -61.73 -6.55 -31.86
C SER D 185 -60.70 -5.43 -31.83
N ARG D 186 -61.14 -4.24 -31.43
CA ARG D 186 -60.23 -3.10 -31.30
C ARG D 186 -59.54 -3.05 -29.95
N ASN D 187 -59.77 -4.05 -29.09
CA ASN D 187 -59.18 -4.09 -27.76
C ASN D 187 -58.23 -5.27 -27.57
N VAL D 188 -58.67 -6.49 -27.89
CA VAL D 188 -57.76 -7.64 -27.80
C VAL D 188 -56.63 -7.48 -28.80
N PHE D 189 -56.97 -7.13 -30.04
CA PHE D 189 -55.94 -6.75 -31.00
C PHE D 189 -55.11 -5.60 -30.46
N LEU D 190 -55.74 -4.68 -29.75
CA LEU D 190 -55.00 -3.61 -29.09
C LEU D 190 -54.10 -4.18 -28.00
N PHE D 191 -54.51 -5.28 -27.35
CA PHE D 191 -53.63 -5.92 -26.38
C PHE D 191 -52.38 -6.46 -27.05
N LYS D 192 -52.55 -7.12 -28.21
CA LYS D 192 -51.39 -7.61 -28.93
C LYS D 192 -50.48 -6.47 -29.37
N LEU D 193 -51.08 -5.38 -29.87
CA LEU D 193 -50.28 -4.23 -30.30
C LEU D 193 -49.58 -3.59 -29.11
N GLY D 194 -50.23 -3.59 -27.94
CA GLY D 194 -49.57 -3.09 -26.75
C GLY D 194 -48.38 -3.94 -26.36
N GLY D 195 -48.52 -5.26 -26.46
CA GLY D 195 -47.37 -6.12 -26.23
C GLY D 195 -46.23 -5.83 -27.20
N VAL D 196 -46.58 -5.62 -28.48
CA VAL D 196 -45.55 -5.36 -29.48
C VAL D 196 -44.81 -4.06 -29.16
N THR D 197 -45.56 -3.01 -28.83
CA THR D 197 -44.91 -1.73 -28.52
C THR D 197 -44.10 -1.85 -27.24
N ALA D 198 -44.59 -2.59 -26.26
CA ALA D 198 -43.82 -2.81 -25.04
C ALA D 198 -42.47 -3.44 -25.37
N SER D 199 -42.50 -4.51 -26.17
CA SER D 199 -41.25 -5.20 -26.50
C SER D 199 -40.30 -4.29 -27.28
N PHE D 200 -40.82 -3.58 -28.28
CA PHE D 200 -39.94 -2.76 -29.11
C PHE D 200 -39.38 -1.58 -28.34
N THR D 201 -40.20 -0.91 -27.55
CA THR D 201 -39.69 0.20 -26.77
C THR D 201 -38.73 -0.28 -25.69
N ALA D 202 -38.96 -1.48 -25.14
CA ALA D 202 -37.99 -2.03 -24.20
C ALA D 202 -36.66 -2.33 -24.88
N SER D 203 -36.70 -2.86 -26.11
CA SER D 203 -35.45 -3.11 -26.84
C SER D 203 -34.70 -1.81 -27.11
N VAL D 204 -35.42 -0.78 -27.55
CA VAL D 204 -34.77 0.51 -27.80
C VAL D 204 -34.23 1.08 -26.50
N GLY D 205 -34.97 0.88 -25.41
CA GLY D 205 -34.50 1.34 -24.12
C GLY D 205 -33.26 0.61 -23.65
N SER D 206 -33.16 -0.67 -23.94
CA SER D 206 -31.94 -1.39 -23.57
C SER D 206 -30.76 -0.96 -24.44
N LEU D 207 -31.00 -0.64 -25.71
CA LEU D 207 -29.92 -0.08 -26.50
C LEU D 207 -29.50 1.26 -25.92
N PHE D 208 -30.46 2.07 -25.50
CA PHE D 208 -30.14 3.35 -24.88
C PHE D 208 -29.36 3.17 -23.59
N LEU D 209 -29.73 2.17 -22.78
CA LEU D 209 -28.98 1.92 -21.56
C LEU D 209 -27.55 1.58 -21.89
N THR D 210 -27.34 0.70 -22.88
CA THR D 210 -25.99 0.30 -23.20
C THR D 210 -25.21 1.51 -23.70
N ALA D 211 -25.85 2.34 -24.52
CA ALA D 211 -25.17 3.50 -25.08
C ALA D 211 -24.77 4.47 -23.99
N ILE D 212 -25.66 4.72 -23.02
CA ILE D 212 -25.34 5.63 -21.94
C ILE D 212 -24.23 5.04 -21.09
N ASP D 213 -24.25 3.71 -20.90
CA ASP D 213 -23.21 3.07 -20.10
C ASP D 213 -21.85 3.27 -20.75
N ARG D 214 -21.79 3.12 -22.08
CA ARG D 214 -20.52 3.30 -22.77
C ARG D 214 -20.13 4.78 -22.76
N TYR D 215 -21.11 5.67 -22.89
CA TYR D 215 -20.82 7.10 -22.89
C TYR D 215 -20.21 7.52 -21.57
N ILE D 216 -20.81 7.09 -20.45
CA ILE D 216 -20.26 7.43 -19.15
C ILE D 216 -18.91 6.77 -18.93
N SER D 217 -18.73 5.54 -19.45
CA SER D 217 -17.44 4.89 -19.33
C SER D 217 -16.35 5.68 -20.03
N ILE D 218 -16.63 6.18 -21.23
CA ILE D 218 -15.61 6.92 -21.98
C ILE D 218 -15.48 8.37 -21.53
N HIS D 219 -16.51 8.94 -20.91
CA HIS D 219 -16.41 10.29 -20.37
C HIS D 219 -15.50 10.31 -19.15
N ARG D 220 -15.70 9.37 -18.23
CA ARG D 220 -14.87 9.21 -17.04
C ARG D 220 -14.36 7.78 -17.03
N PRO D 221 -13.14 7.53 -17.51
CA PRO D 221 -12.69 6.13 -17.66
C PRO D 221 -12.74 5.34 -16.37
N LEU D 222 -12.50 5.97 -15.23
CA LEU D 222 -12.54 5.28 -13.95
C LEU D 222 -13.94 5.27 -13.32
N ALA D 223 -14.91 5.91 -13.95
CA ALA D 223 -16.26 5.98 -13.40
C ALA D 223 -17.05 4.68 -13.56
N TYR D 224 -16.63 3.81 -14.48
CA TYR D 224 -17.34 2.56 -14.69
C TYR D 224 -17.39 1.75 -13.41
N LYS D 225 -16.37 1.85 -12.57
CA LYS D 225 -16.35 1.14 -11.30
C LYS D 225 -17.23 1.83 -10.26
N ARG D 226 -17.28 3.16 -10.27
CA ARG D 226 -17.85 3.93 -9.18
C ARG D 226 -19.20 4.55 -9.51
N ILE D 227 -19.71 4.41 -10.74
CA ILE D 227 -20.95 5.05 -11.13
C ILE D 227 -21.96 4.02 -11.61
N VAL D 228 -21.48 2.87 -12.09
CA VAL D 228 -22.34 1.80 -12.56
C VAL D 228 -21.89 0.49 -11.90
N THR D 229 -22.85 -0.24 -11.35
CA THR D 229 -22.57 -1.51 -10.68
C THR D 229 -23.74 -2.46 -10.91
N ARG D 230 -23.66 -3.63 -10.29
CA ARG D 230 -24.71 -4.63 -10.45
C ARG D 230 -26.06 -4.12 -9.95
N PRO D 231 -26.19 -3.60 -8.73
CA PRO D 231 -27.51 -3.16 -8.26
C PRO D 231 -28.06 -1.98 -9.04
N LYS D 232 -27.24 -0.95 -9.25
CA LYS D 232 -27.71 0.23 -9.97
C LYS D 232 -28.07 -0.12 -11.41
N ALA D 233 -27.33 -1.04 -12.02
CA ALA D 233 -27.64 -1.44 -13.40
C ALA D 233 -29.03 -2.06 -13.48
N VAL D 234 -29.35 -2.99 -12.57
CA VAL D 234 -30.68 -3.59 -12.60
C VAL D 234 -31.74 -2.57 -12.21
N VAL D 235 -31.40 -1.60 -11.35
CA VAL D 235 -32.35 -0.55 -11.02
C VAL D 235 -32.71 0.25 -12.25
N ALA D 236 -31.70 0.64 -13.03
CA ALA D 236 -31.95 1.38 -14.26
C ALA D 236 -32.72 0.52 -15.26
N PHE D 237 -32.40 -0.77 -15.34
CA PHE D 237 -33.10 -1.65 -16.25
C PHE D 237 -34.58 -1.75 -15.89
N CYS D 238 -34.89 -1.89 -14.59
CA CYS D 238 -36.28 -1.98 -14.19
C CYS D 238 -36.99 -0.65 -14.37
N LEU D 239 -36.28 0.48 -14.20
CA LEU D 239 -36.88 1.77 -14.51
C LEU D 239 -37.26 1.85 -15.99
N MET D 240 -36.36 1.41 -16.87
CA MET D 240 -36.65 1.42 -18.29
C MET D 240 -37.84 0.51 -18.62
N TRP D 241 -37.88 -0.68 -18.00
CA TRP D 241 -39.00 -1.57 -18.24
C TRP D 241 -40.29 -0.99 -17.71
N THR D 242 -40.25 -0.26 -16.60
CA THR D 242 -41.46 0.36 -16.07
C THR D 242 -41.99 1.43 -17.02
N ILE D 243 -41.10 2.29 -17.52
CA ILE D 243 -41.56 3.29 -18.48
C ILE D 243 -42.07 2.62 -19.74
N ALA D 244 -41.43 1.53 -20.15
CA ALA D 244 -41.90 0.78 -21.32
C ALA D 244 -43.31 0.25 -21.11
N ILE D 245 -43.57 -0.37 -19.95
CA ILE D 245 -44.87 -0.98 -19.72
C ILE D 245 -45.95 0.09 -19.57
N VAL D 246 -45.63 1.21 -18.92
CA VAL D 246 -46.63 2.28 -18.82
C VAL D 246 -46.96 2.84 -20.19
N ILE D 247 -45.95 3.02 -21.04
CA ILE D 247 -46.22 3.45 -22.41
C ILE D 247 -47.07 2.43 -23.14
N ALA D 248 -46.78 1.15 -22.94
CA ALA D 248 -47.52 0.10 -23.63
C ALA D 248 -48.99 0.08 -23.19
N VAL D 249 -49.25 0.31 -21.90
CA VAL D 249 -50.61 0.22 -21.40
C VAL D 249 -51.39 1.53 -21.56
N LEU D 250 -50.71 2.64 -21.80
CA LEU D 250 -51.44 3.88 -22.06
C LEU D 250 -52.43 3.75 -23.20
N PRO D 251 -52.13 3.08 -24.31
CA PRO D 251 -53.17 2.79 -25.30
C PRO D 251 -54.32 1.96 -24.74
N LEU D 252 -54.11 1.18 -23.68
CA LEU D 252 -55.18 0.33 -23.18
C LEU D 252 -56.36 1.13 -22.69
N LEU D 253 -56.19 2.43 -22.46
CA LEU D 253 -57.31 3.31 -22.12
C LEU D 253 -57.42 4.51 -23.06
N GLY D 254 -56.31 5.09 -23.47
CA GLY D 254 -56.34 6.30 -24.29
C GLY D 254 -56.31 6.05 -25.78
N TRP D 255 -57.40 5.55 -26.35
CA TRP D 255 -57.49 5.29 -27.78
C TRP D 255 -58.72 5.97 -28.38
N ASN D 256 -59.03 7.18 -27.90
CA ASN D 256 -60.29 7.86 -28.19
C ASN D 256 -60.69 7.78 -29.66
N CYS D 257 -59.72 7.68 -30.56
CA CYS D 257 -60.02 7.55 -31.97
C CYS D 257 -59.06 6.58 -32.64
N CYS D 264 -57.99 8.58 -38.12
CA CYS D 264 -56.86 8.86 -37.26
C CYS D 264 -55.65 8.03 -37.66
N SER D 265 -55.57 6.80 -37.16
CA SER D 265 -54.45 5.92 -37.44
C SER D 265 -54.80 5.06 -38.65
N ASP D 266 -54.33 5.50 -39.82
CA ASP D 266 -54.65 4.78 -41.05
C ASP D 266 -54.04 3.38 -41.05
N ILE D 267 -52.96 3.17 -40.32
CA ILE D 267 -52.25 1.90 -40.31
C ILE D 267 -52.67 1.02 -39.14
N PHE D 268 -52.63 1.56 -37.94
CA PHE D 268 -53.04 0.81 -36.75
C PHE D 268 -54.50 1.12 -36.44
N PRO D 269 -55.36 0.11 -36.30
CA PRO D 269 -56.80 0.37 -36.36
C PRO D 269 -57.35 1.27 -35.25
N HIS D 270 -57.13 0.90 -34.00
CA HIS D 270 -57.87 1.51 -32.90
C HIS D 270 -56.94 2.19 -31.90
N ILE D 271 -56.00 2.99 -32.39
CA ILE D 271 -55.07 3.72 -31.53
C ILE D 271 -55.32 5.22 -31.67
N ASP D 272 -55.00 5.94 -30.60
CA ASP D 272 -55.05 7.39 -30.64
C ASP D 272 -54.08 7.92 -31.69
N GLU D 273 -54.18 9.21 -31.99
CA GLU D 273 -53.29 9.85 -32.95
C GLU D 273 -52.19 10.67 -32.29
N THR D 274 -52.49 11.41 -31.22
CA THR D 274 -51.42 12.11 -30.51
C THR D 274 -50.50 11.12 -29.82
N TYR D 275 -51.02 9.96 -29.42
CA TYR D 275 -50.16 8.93 -28.85
C TYR D 275 -49.11 8.47 -29.84
N LEU D 276 -49.48 8.34 -31.11
CA LEU D 276 -48.51 7.93 -32.11
C LEU D 276 -47.38 8.95 -32.20
N MET D 277 -47.72 10.24 -32.25
CA MET D 277 -46.68 11.26 -32.32
C MET D 277 -45.81 11.26 -31.07
N PHE D 278 -46.43 11.07 -29.89
CA PHE D 278 -45.66 11.03 -28.66
C PHE D 278 -44.68 9.85 -28.65
N TRP D 279 -45.14 8.69 -29.09
CA TRP D 279 -44.28 7.51 -29.06
C TRP D 279 -43.15 7.63 -30.09
N ILE D 280 -43.46 8.16 -31.27
CA ILE D 280 -42.41 8.47 -32.24
C ILE D 280 -41.42 9.46 -31.64
N GLY D 281 -41.91 10.46 -30.90
CA GLY D 281 -41.02 11.43 -30.31
C GLY D 281 -40.07 10.82 -29.31
N VAL D 282 -40.60 9.98 -28.40
CA VAL D 282 -39.74 9.38 -27.39
C VAL D 282 -38.73 8.44 -28.04
N THR D 283 -39.18 7.61 -28.98
CA THR D 283 -38.25 6.71 -29.65
C THR D 283 -37.20 7.48 -30.43
N SER D 284 -37.61 8.55 -31.11
CA SER D 284 -36.68 9.34 -31.90
C SER D 284 -35.65 10.03 -31.01
N VAL D 285 -36.06 10.55 -29.86
CA VAL D 285 -35.10 11.19 -28.98
C VAL D 285 -34.15 10.17 -28.39
N LEU D 286 -34.63 8.98 -28.07
CA LEU D 286 -33.73 7.93 -27.60
C LEU D 286 -32.71 7.57 -28.68
N LEU D 287 -33.16 7.43 -29.93
CA LEU D 287 -32.24 7.13 -31.00
C LEU D 287 -31.24 8.25 -31.23
N LEU D 288 -31.71 9.49 -31.13
CA LEU D 288 -30.80 10.63 -31.25
C LEU D 288 -29.74 10.59 -30.16
N PHE D 289 -30.15 10.28 -28.93
CA PHE D 289 -29.18 10.18 -27.84
C PHE D 289 -28.18 9.07 -28.10
N ILE D 290 -28.65 7.94 -28.61
CA ILE D 290 -27.74 6.82 -28.87
C ILE D 290 -26.73 7.18 -29.95
N VAL D 291 -27.21 7.75 -31.05
CA VAL D 291 -26.30 8.11 -32.14
C VAL D 291 -25.32 9.18 -31.68
N TYR D 292 -25.78 10.15 -30.88
CA TYR D 292 -24.87 11.14 -30.34
C TYR D 292 -23.84 10.50 -29.43
N ALA D 293 -24.26 9.54 -28.60
CA ALA D 293 -23.33 8.90 -27.69
C ALA D 293 -22.22 8.19 -28.46
N TYR D 294 -22.60 7.43 -29.48
CA TYR D 294 -21.59 6.67 -30.20
C TYR D 294 -20.75 7.57 -31.11
N MET D 295 -21.33 8.63 -31.66
CA MET D 295 -20.54 9.58 -32.42
C MET D 295 -19.53 10.28 -31.52
N TYR D 296 -19.94 10.65 -30.31
CA TYR D 296 -19.03 11.26 -29.35
C TYR D 296 -17.93 10.27 -28.95
N ILE D 297 -18.29 9.00 -28.78
CA ILE D 297 -17.28 7.99 -28.45
C ILE D 297 -16.24 7.90 -29.56
N LEU D 298 -16.70 7.86 -30.82
CA LEU D 298 -15.76 7.81 -31.94
C LEU D 298 -14.90 9.07 -31.98
N TRP D 299 -15.51 10.23 -31.71
CA TRP D 299 -14.76 11.47 -31.72
C TRP D 299 -13.67 11.45 -30.66
N LYS D 300 -13.99 11.01 -29.45
CA LYS D 300 -12.99 10.91 -28.39
C LYS D 300 -11.93 9.87 -28.73
N ALA D 301 -12.31 8.80 -29.42
CA ALA D 301 -11.34 7.80 -29.81
C ALA D 301 -10.30 8.39 -30.76
N HIS D 302 -10.79 9.03 -31.82
CA HIS D 302 -9.90 9.68 -32.77
C HIS D 302 -9.07 10.75 -32.06
N SER D 303 -9.67 11.42 -31.08
CA SER D 303 -8.97 12.48 -30.36
C SER D 303 -7.77 11.91 -29.59
N HIS D 304 -7.98 10.81 -28.83
CA HIS D 304 -6.83 10.34 -28.07
C HIS D 304 -5.79 9.79 -29.03
N ALA D 305 -6.24 9.21 -30.14
CA ALA D 305 -5.30 8.69 -31.12
C ALA D 305 -4.40 9.79 -31.64
N VAL D 306 -4.98 10.92 -32.05
CA VAL D 306 -4.17 12.02 -32.56
C VAL D 306 -3.29 12.57 -31.44
N ARG D 307 -3.79 12.59 -30.21
CA ARG D 307 -3.01 13.11 -29.09
C ARG D 307 -1.80 12.23 -28.80
N MET D 308 -1.95 10.91 -28.95
CA MET D 308 -0.95 9.95 -28.53
C MET D 308 0.02 9.53 -29.62
N ILE D 309 -0.33 9.68 -30.91
CA ILE D 309 0.62 9.37 -31.97
C ILE D 309 1.81 10.32 -32.05
N GLN D 310 1.77 11.47 -31.39
CA GLN D 310 2.94 12.35 -31.42
C GLN D 310 4.13 11.68 -30.74
N ASP D 338 -8.87 1.96 -32.93
CA ASP D 338 -9.21 3.38 -32.90
C ASP D 338 -9.24 3.97 -34.30
N ILE D 339 -8.60 3.29 -35.25
CA ILE D 339 -8.52 3.76 -36.62
C ILE D 339 -9.54 3.07 -37.51
N ARG D 340 -9.75 1.77 -37.32
CA ARG D 340 -10.67 1.00 -38.16
C ARG D 340 -11.68 0.21 -37.35
N LEU D 341 -11.31 -0.33 -36.20
CA LEU D 341 -12.23 -1.16 -35.43
C LEU D 341 -13.45 -0.34 -34.99
N ALA D 342 -13.20 0.82 -34.41
CA ALA D 342 -14.31 1.68 -34.00
C ALA D 342 -15.11 2.12 -35.21
N LYS D 343 -14.45 2.36 -36.34
CA LYS D 343 -15.18 2.71 -37.55
C LYS D 343 -16.17 1.61 -37.93
N THR D 344 -15.70 0.36 -37.96
CA THR D 344 -16.61 -0.73 -38.35
C THR D 344 -17.73 -0.90 -37.35
N LEU D 345 -17.44 -0.78 -36.05
CA LEU D 345 -18.51 -0.88 -35.07
C LEU D 345 -19.55 0.23 -35.26
N VAL D 346 -19.08 1.45 -35.50
CA VAL D 346 -20.01 2.56 -35.69
C VAL D 346 -20.83 2.32 -36.94
N LEU D 347 -20.21 1.79 -37.99
CA LEU D 347 -20.94 1.48 -39.21
C LEU D 347 -21.97 0.39 -38.98
N ILE D 348 -21.65 -0.60 -38.16
CA ILE D 348 -22.62 -1.63 -37.84
C ILE D 348 -23.82 -1.02 -37.12
N LEU D 349 -23.57 -0.12 -36.18
CA LEU D 349 -24.68 0.56 -35.52
C LEU D 349 -25.46 1.42 -36.50
N VAL D 350 -24.75 2.02 -37.46
CA VAL D 350 -25.40 2.82 -38.49
C VAL D 350 -26.32 1.96 -39.32
N VAL D 351 -25.87 0.74 -39.65
CA VAL D 351 -26.70 -0.20 -40.40
C VAL D 351 -27.94 -0.52 -39.59
N LEU D 352 -27.78 -0.67 -38.28
CA LEU D 352 -28.94 -0.90 -37.44
C LEU D 352 -29.91 0.27 -37.56
N ILE D 353 -29.39 1.50 -37.59
CA ILE D 353 -30.27 2.66 -37.74
C ILE D 353 -30.99 2.65 -39.10
N ILE D 354 -30.29 2.27 -40.17
CA ILE D 354 -30.97 2.19 -41.47
C ILE D 354 -32.08 1.17 -41.42
N CYS D 355 -31.83 0.04 -40.75
CA CYS D 355 -32.88 -0.95 -40.60
C CYS D 355 -34.05 -0.38 -39.81
N TRP D 356 -33.78 0.41 -38.78
CA TRP D 356 -34.83 0.92 -37.91
C TRP D 356 -35.39 2.28 -38.31
N GLY D 357 -34.64 3.09 -39.05
CA GLY D 357 -35.07 4.44 -39.37
C GLY D 357 -36.39 4.60 -40.10
N PRO D 358 -36.60 3.84 -41.18
CA PRO D 358 -37.80 4.06 -42.00
C PRO D 358 -39.12 3.96 -41.26
N LEU D 359 -39.18 3.14 -40.21
CA LEU D 359 -40.43 2.99 -39.47
C LEU D 359 -40.97 4.34 -39.00
N LEU D 360 -40.12 5.12 -38.35
CA LEU D 360 -40.56 6.42 -37.85
C LEU D 360 -40.95 7.35 -38.99
N ALA D 361 -40.23 7.28 -40.10
CA ALA D 361 -40.58 8.10 -41.25
C ALA D 361 -42.00 7.80 -41.73
N ILE D 362 -42.34 6.52 -41.83
CA ILE D 362 -43.68 6.16 -42.27
C ILE D 362 -44.72 6.57 -41.23
N MET D 363 -44.40 6.41 -39.94
CA MET D 363 -45.35 6.83 -38.91
C MET D 363 -45.64 8.32 -38.99
N VAL D 364 -44.59 9.13 -39.16
CA VAL D 364 -44.81 10.58 -39.23
C VAL D 364 -45.55 10.95 -40.51
N TYR D 365 -45.25 10.28 -41.62
CA TYR D 365 -45.99 10.55 -42.85
C TYR D 365 -47.47 10.24 -42.67
N ASP D 366 -47.78 9.12 -42.00
CA ASP D 366 -49.18 8.81 -41.71
C ASP D 366 -49.79 9.87 -40.81
N VAL D 367 -49.05 10.34 -39.81
CA VAL D 367 -49.56 11.37 -38.93
C VAL D 367 -49.93 12.62 -39.72
N PHE D 368 -49.05 13.03 -40.64
CA PHE D 368 -49.29 14.26 -41.40
C PHE D 368 -50.33 14.05 -42.49
N GLY D 369 -50.03 13.19 -43.46
CA GLY D 369 -50.89 13.03 -44.61
C GLY D 369 -51.92 11.93 -44.50
N LYS D 370 -51.47 10.70 -44.25
CA LYS D 370 -52.32 9.51 -44.27
C LYS D 370 -53.36 9.60 -45.38
N MET D 371 -52.86 9.76 -46.59
CA MET D 371 -53.70 9.90 -47.78
C MET D 371 -53.63 8.69 -48.70
N ASN D 372 -52.44 8.16 -48.95
CA ASN D 372 -52.26 7.07 -49.88
C ASN D 372 -52.58 5.74 -49.20
N LYS D 373 -52.65 4.68 -50.02
CA LYS D 373 -53.00 3.34 -49.55
C LYS D 373 -51.82 2.39 -49.53
N LEU D 374 -50.97 2.42 -50.56
CA LEU D 374 -49.86 1.47 -50.63
C LEU D 374 -48.86 1.67 -49.50
N ILE D 375 -48.94 2.81 -48.80
CA ILE D 375 -48.04 3.06 -47.68
C ILE D 375 -48.16 1.96 -46.65
N LYS D 376 -49.35 1.37 -46.51
CA LYS D 376 -49.51 0.30 -45.52
C LYS D 376 -48.65 -0.90 -45.88
N THR D 377 -48.62 -1.29 -47.15
CA THR D 377 -47.77 -2.40 -47.55
C THR D 377 -46.30 -2.02 -47.44
N VAL D 378 -45.95 -0.78 -47.77
CA VAL D 378 -44.57 -0.34 -47.57
C VAL D 378 -44.20 -0.47 -46.10
N PHE D 379 -45.13 -0.14 -45.21
CA PHE D 379 -44.86 -0.25 -43.78
C PHE D 379 -44.76 -1.70 -43.34
N ALA D 380 -45.53 -2.61 -43.95
CA ALA D 380 -45.33 -4.03 -43.68
C ALA D 380 -43.92 -4.47 -44.03
N PHE D 381 -43.44 -4.05 -45.21
CA PHE D 381 -42.09 -4.39 -45.61
C PHE D 381 -41.06 -3.77 -44.67
N CYS D 382 -41.25 -2.51 -44.29
CA CYS D 382 -40.33 -1.86 -43.37
C CYS D 382 -40.34 -2.54 -42.00
N SER D 383 -41.48 -3.06 -41.58
CA SER D 383 -41.53 -3.79 -40.31
C SER D 383 -40.81 -5.12 -40.42
N MET D 384 -40.86 -5.75 -41.59
CA MET D 384 -40.00 -6.91 -41.84
C MET D 384 -38.53 -6.54 -41.71
N LEU D 385 -38.16 -5.38 -42.26
CA LEU D 385 -36.79 -4.90 -42.11
C LEU D 385 -36.45 -4.67 -40.63
N CYS D 386 -37.39 -4.14 -39.87
CA CYS D 386 -37.18 -3.96 -38.44
C CYS D 386 -36.96 -5.30 -37.74
N LEU D 387 -37.70 -6.32 -38.15
CA LEU D 387 -37.44 -7.64 -37.59
C LEU D 387 -36.02 -8.08 -37.92
N LEU D 388 -35.59 -7.86 -39.17
CA LEU D 388 -34.20 -8.16 -39.49
C LEU D 388 -33.26 -7.38 -38.59
N ASN D 389 -33.64 -6.15 -38.21
CA ASN D 389 -32.86 -5.41 -37.23
C ASN D 389 -32.78 -6.18 -35.92
N SER D 390 -33.88 -6.83 -35.57
CA SER D 390 -33.92 -7.62 -34.34
C SER D 390 -32.93 -8.77 -34.40
N THR D 391 -32.78 -9.37 -35.59
CA THR D 391 -31.81 -10.45 -35.74
C THR D 391 -30.37 -9.94 -35.74
N VAL D 392 -30.11 -8.83 -36.43
CA VAL D 392 -28.74 -8.33 -36.58
C VAL D 392 -28.22 -7.70 -35.30
N ASN D 393 -29.10 -7.11 -34.48
CA ASN D 393 -28.64 -6.32 -33.33
C ASN D 393 -27.97 -7.16 -32.25
N PRO D 394 -28.62 -8.16 -31.65
CA PRO D 394 -27.95 -8.90 -30.57
C PRO D 394 -26.68 -9.59 -30.99
N ILE D 395 -26.61 -10.19 -32.18
CA ILE D 395 -25.36 -10.86 -32.55
C ILE D 395 -24.23 -9.85 -32.62
N ILE D 396 -24.48 -8.70 -33.24
CA ILE D 396 -23.43 -7.67 -33.34
C ILE D 396 -23.02 -7.19 -31.97
N TYR D 397 -23.99 -7.03 -31.06
CA TYR D 397 -23.67 -6.65 -29.69
C TYR D 397 -23.04 -7.79 -28.90
N ALA D 398 -23.48 -9.03 -29.10
CA ALA D 398 -23.03 -10.10 -28.22
C ALA D 398 -21.98 -11.02 -28.83
N LEU D 399 -21.97 -11.25 -30.14
CA LEU D 399 -21.01 -12.20 -30.70
C LEU D 399 -19.68 -11.56 -31.08
N ARG D 400 -19.62 -10.23 -31.21
CA ARG D 400 -18.39 -9.55 -31.60
C ARG D 400 -17.41 -9.38 -30.45
N SER D 401 -17.61 -10.06 -29.32
CA SER D 401 -16.70 -9.96 -28.17
C SER D 401 -15.85 -11.22 -28.10
N LYS D 402 -14.52 -11.04 -28.17
CA LYS D 402 -13.64 -12.20 -28.13
C LYS D 402 -13.65 -12.85 -26.75
N ASP D 403 -13.61 -12.05 -25.68
CA ASP D 403 -13.60 -12.62 -24.34
C ASP D 403 -14.89 -13.37 -24.05
N LEU D 404 -16.03 -12.82 -24.45
CA LEU D 404 -17.30 -13.50 -24.22
C LEU D 404 -17.36 -14.81 -24.97
N ARG D 405 -16.87 -14.84 -26.22
CA ARG D 405 -16.78 -16.10 -26.95
C ARG D 405 -15.90 -17.09 -26.21
N HIS D 406 -14.74 -16.64 -25.72
CA HIS D 406 -13.85 -17.51 -24.99
C HIS D 406 -14.46 -18.00 -23.69
N ALA D 407 -15.49 -17.30 -23.19
CA ALA D 407 -16.21 -17.78 -22.02
C ALA D 407 -17.21 -18.86 -22.39
N PHE D 408 -18.19 -18.51 -23.22
CA PHE D 408 -19.17 -19.47 -23.72
C PHE D 408 -19.82 -20.27 -22.59
N GLU D 428 4.72 -19.92 -15.06
CA GLU D 428 5.95 -20.01 -15.83
C GLU D 428 6.85 -18.80 -15.59
N CYS D 430 9.33 -16.43 -13.82
CA CYS D 430 10.40 -16.52 -12.83
C CYS D 430 10.38 -15.31 -11.91
N ALA D 433 15.96 -11.82 -8.74
CA ALA D 433 16.97 -12.21 -7.78
C ALA D 433 18.20 -11.33 -7.92
N LEU D 437 28.39 -7.95 -7.26
CA LEU D 437 29.27 -7.49 -8.33
C LEU D 437 30.57 -7.04 -7.70
N ALA D 438 31.65 -7.77 -8.00
CA ALA D 438 32.91 -7.54 -7.32
C ALA D 438 33.37 -6.10 -7.49
N LYS D 439 33.75 -5.47 -6.39
CA LYS D 439 34.22 -4.09 -6.43
C LYS D 439 35.55 -4.00 -7.15
N ASP D 440 35.69 -2.99 -8.00
CA ASP D 440 36.90 -2.82 -8.79
C ASP D 440 37.94 -2.00 -8.03
#